data_2EP7
#
_entry.id   2EP7
#
_cell.length_a   109.190
_cell.length_b   115.437
_cell.length_c   131.484
_cell.angle_alpha   90.00
_cell.angle_beta   90.00
_cell.angle_gamma   90.00
#
_symmetry.space_group_name_H-M   'I 21 21 21'
#
loop_
_entity.id
_entity.type
_entity.pdbx_description
1 polymer 'Glyceraldehyde-3-phosphate dehydrogenase'
2 non-polymer NICOTINAMIDE-ADENINE-DINUCLEOTIDE
3 water water
#
_entity_poly.entity_id   1
_entity_poly.type   'polypeptide(L)'
_entity_poly.pdbx_seq_one_letter_code
;MAIKVGINGFGRIGRSFFRASWGREEIEIVAINDLTDAKHLAHLLKYDSVHGIFKGSVEAKDDSIVVDGKEIKVFAQKDP
SQIPWGDLGVDVVIEATGVFRDRENASKHLQGGAKKVIITAPAKNPDITVVLGVNEEKYNPKEHNIISNASCTTNCLAPC
VKVLNEAFGVEKGYMVTVHAYTNDQRLLDLPHKDFRRARAAAINIVPTTTGAAKAIGEVIPELKGKLDGTARRVPVPDGS
LIDLTVVVNKAPSSVEEVNEKFREAAQKYRESGKVYLKEILQYCEDPIVSTDIVGNPHSAIFDAPLTQVIDNLVHIAAWY
DNEWGYSCRLRDLVIYLAERGL
;
_entity_poly.pdbx_strand_id   A,B
#
loop_
_chem_comp.id
_chem_comp.type
_chem_comp.name
_chem_comp.formula
NAD non-polymer NICOTINAMIDE-ADENINE-DINUCLEOTIDE 'C21 H27 N7 O14 P2'
#
# COMPACT_ATOMS: atom_id res chain seq x y z
N ILE A 3 32.70 14.97 -17.00
CA ILE A 3 31.73 14.93 -18.13
C ILE A 3 30.69 16.05 -18.07
N LYS A 4 30.47 16.69 -19.22
CA LYS A 4 29.49 17.76 -19.33
C LYS A 4 28.09 17.16 -19.36
N VAL A 5 27.18 17.75 -18.57
CA VAL A 5 25.82 17.23 -18.50
C VAL A 5 24.74 18.28 -18.74
N GLY A 6 23.70 17.86 -19.46
CA GLY A 6 22.58 18.75 -19.74
C GLY A 6 21.33 18.11 -19.17
N ILE A 7 20.46 18.91 -18.56
CA ILE A 7 19.24 18.37 -17.99
C ILE A 7 18.03 18.91 -18.73
N ASN A 8 17.22 18.01 -19.28
CA ASN A 8 16.02 18.43 -19.97
C ASN A 8 14.85 18.02 -19.07
N GLY A 9 14.23 19.01 -18.44
CA GLY A 9 13.14 18.75 -17.54
C GLY A 9 13.74 18.84 -16.14
N PHE A 10 13.72 20.03 -15.58
CA PHE A 10 14.28 20.27 -14.26
C PHE A 10 13.19 20.07 -13.20
N GLY A 11 12.60 18.88 -13.19
CA GLY A 11 11.55 18.58 -12.23
C GLY A 11 12.02 17.82 -11.01
N ARG A 12 11.14 16.99 -10.46
CA ARG A 12 11.49 16.21 -9.29
C ARG A 12 12.78 15.42 -9.52
N ILE A 13 12.83 14.64 -10.61
CA ILE A 13 14.01 13.85 -10.91
C ILE A 13 15.17 14.71 -11.37
N GLY A 14 14.90 15.68 -12.25
CA GLY A 14 15.95 16.56 -12.73
C GLY A 14 16.64 17.30 -11.60
N ARG A 15 15.87 17.94 -10.74
CA ARG A 15 16.46 18.69 -9.63
C ARG A 15 17.10 17.77 -8.59
N SER A 16 16.54 16.59 -8.37
CA SER A 16 17.15 15.67 -7.41
C SER A 16 18.46 15.14 -8.00
N PHE A 17 18.51 15.02 -9.32
CA PHE A 17 19.71 14.56 -9.99
C PHE A 17 20.77 15.64 -9.86
N PHE A 18 20.33 16.90 -9.96
CA PHE A 18 21.24 18.02 -9.85
C PHE A 18 21.84 18.02 -8.45
N ARG A 19 20.98 17.86 -7.44
CA ARG A 19 21.44 17.86 -6.06
C ARG A 19 22.32 16.66 -5.75
N ALA A 20 21.99 15.51 -6.31
CA ALA A 20 22.74 14.29 -6.08
C ALA A 20 24.15 14.31 -6.64
N SER A 21 24.34 14.98 -7.76
CA SER A 21 25.66 15.00 -8.38
C SER A 21 26.42 16.31 -8.17
N TRP A 22 25.86 17.20 -7.38
CA TRP A 22 26.53 18.48 -7.13
C TRP A 22 27.68 18.27 -6.15
N GLY A 23 28.83 18.86 -6.45
CA GLY A 23 29.97 18.70 -5.58
C GLY A 23 30.83 17.50 -5.97
N ARG A 24 30.34 16.72 -6.95
CA ARG A 24 31.08 15.55 -7.44
C ARG A 24 31.90 16.00 -8.64
N GLU A 25 33.23 15.93 -8.50
CA GLU A 25 34.12 16.38 -9.56
C GLU A 25 33.99 15.62 -10.88
N GLU A 26 33.40 14.43 -10.84
CA GLU A 26 33.26 13.64 -12.06
C GLU A 26 32.21 14.22 -13.01
N ILE A 27 31.29 15.00 -12.45
CA ILE A 27 30.21 15.58 -13.23
C ILE A 27 30.21 17.10 -13.26
N GLU A 28 29.86 17.66 -14.41
CA GLU A 28 29.78 19.11 -14.59
C GLU A 28 28.50 19.44 -15.36
N ILE A 29 27.49 19.90 -14.63
CA ILE A 29 26.22 20.28 -15.24
C ILE A 29 26.37 21.68 -15.82
N VAL A 30 26.17 21.81 -17.13
CA VAL A 30 26.35 23.10 -17.76
C VAL A 30 25.11 23.75 -18.35
N ALA A 31 24.05 22.97 -18.56
CA ALA A 31 22.83 23.52 -19.13
C ALA A 31 21.55 22.85 -18.61
N ILE A 32 20.51 23.64 -18.43
CA ILE A 32 19.22 23.15 -17.96
C ILE A 32 18.10 23.69 -18.85
N ASN A 33 17.15 22.83 -19.18
CA ASN A 33 16.01 23.22 -20.00
C ASN A 33 14.68 22.78 -19.40
N ASP A 34 13.71 23.69 -19.38
CA ASP A 34 12.39 23.41 -18.84
C ASP A 34 11.38 24.31 -19.56
N LEU A 35 10.28 24.63 -18.90
CA LEU A 35 9.26 25.46 -19.52
C LEU A 35 9.00 26.76 -18.75
N THR A 36 10.03 27.29 -18.10
CA THR A 36 9.87 28.52 -17.33
C THR A 36 11.19 29.31 -17.35
N ASP A 37 11.21 30.45 -16.65
CA ASP A 37 12.42 31.28 -16.61
C ASP A 37 13.40 30.85 -15.54
N ALA A 38 14.62 31.38 -15.63
CA ALA A 38 15.67 31.06 -14.70
C ALA A 38 15.30 31.31 -13.25
N LYS A 39 14.62 32.42 -13.00
CA LYS A 39 14.23 32.78 -11.64
C LYS A 39 13.36 31.72 -10.97
N HIS A 40 12.43 31.13 -11.72
CA HIS A 40 11.57 30.10 -11.15
C HIS A 40 12.32 28.81 -10.90
N LEU A 41 13.24 28.46 -11.79
CA LEU A 41 14.02 27.23 -11.61
C LEU A 41 14.95 27.37 -10.42
N ALA A 42 15.57 28.53 -10.28
CA ALA A 42 16.49 28.77 -9.19
C ALA A 42 15.76 28.61 -7.86
N HIS A 43 14.57 29.17 -7.77
CA HIS A 43 13.76 29.09 -6.55
C HIS A 43 13.35 27.64 -6.24
N LEU A 44 12.99 26.89 -7.27
CA LEU A 44 12.61 25.50 -7.10
C LEU A 44 13.80 24.66 -6.63
N LEU A 45 15.00 25.02 -7.09
CA LEU A 45 16.21 24.30 -6.72
C LEU A 45 16.64 24.60 -5.28
N LYS A 46 16.40 25.82 -4.83
CA LYS A 46 16.76 26.26 -3.49
C LYS A 46 15.85 25.70 -2.40
N TYR A 47 14.54 25.76 -2.64
CA TYR A 47 13.56 25.28 -1.68
C TYR A 47 12.83 24.04 -2.19
N ASP A 48 13.02 22.92 -1.50
CA ASP A 48 12.37 21.67 -1.88
C ASP A 48 11.47 21.23 -0.73
N SER A 49 10.19 20.99 -1.03
CA SER A 49 9.24 20.58 0.00
C SER A 49 9.60 19.26 0.65
N VAL A 50 10.35 18.42 -0.07
CA VAL A 50 10.71 17.11 0.45
C VAL A 50 12.16 16.96 0.90
N HIS A 51 13.11 17.53 0.16
CA HIS A 51 14.50 17.36 0.52
C HIS A 51 15.21 18.51 1.21
N GLY A 52 14.45 19.49 1.66
CA GLY A 52 15.07 20.61 2.36
C GLY A 52 15.65 21.73 1.51
N ILE A 53 16.37 22.63 2.18
CA ILE A 53 16.99 23.76 1.53
C ILE A 53 18.36 23.41 0.93
N PHE A 54 18.56 23.74 -0.34
CA PHE A 54 19.83 23.49 -1.02
C PHE A 54 20.92 24.21 -0.22
N LYS A 55 22.02 23.52 0.08
CA LYS A 55 23.08 24.14 0.86
C LYS A 55 23.92 25.16 0.09
N GLY A 56 24.15 24.91 -1.19
CA GLY A 56 24.93 25.84 -1.99
C GLY A 56 24.26 27.19 -2.14
N SER A 57 24.95 28.12 -2.81
CA SER A 57 24.41 29.47 -3.05
C SER A 57 23.84 29.52 -4.46
N VAL A 58 22.57 29.93 -4.56
CA VAL A 58 21.90 30.00 -5.84
C VAL A 58 21.52 31.44 -6.23
N GLU A 59 22.02 31.89 -7.38
CA GLU A 59 21.73 33.23 -7.89
C GLU A 59 21.04 33.10 -9.25
N ALA A 60 20.04 33.92 -9.50
CA ALA A 60 19.34 33.86 -10.76
C ALA A 60 19.74 35.03 -11.66
N LYS A 61 19.82 34.78 -12.95
CA LYS A 61 20.15 35.81 -13.92
C LYS A 61 19.08 35.77 -15.00
N ASP A 62 19.25 36.53 -16.08
CA ASP A 62 18.25 36.53 -17.13
C ASP A 62 18.06 35.18 -17.79
N ASP A 63 19.14 34.60 -18.29
CA ASP A 63 19.08 33.32 -18.98
C ASP A 63 20.01 32.27 -18.40
N SER A 64 20.22 32.31 -17.10
CA SER A 64 21.09 31.34 -16.46
C SER A 64 21.04 31.46 -14.95
N ILE A 65 21.59 30.45 -14.28
CA ILE A 65 21.65 30.45 -12.83
C ILE A 65 23.09 30.21 -12.47
N VAL A 66 23.53 30.78 -11.36
CA VAL A 66 24.89 30.61 -10.89
C VAL A 66 24.79 29.90 -9.56
N VAL A 67 25.26 28.66 -9.52
CA VAL A 67 25.24 27.86 -8.31
C VAL A 67 26.68 27.72 -7.87
N ASP A 68 26.98 28.22 -6.68
CA ASP A 68 28.33 28.19 -6.15
C ASP A 68 29.33 28.70 -7.19
N GLY A 69 29.04 29.87 -7.73
CA GLY A 69 29.92 30.47 -8.72
C GLY A 69 29.89 29.85 -10.10
N LYS A 70 29.23 28.71 -10.23
CA LYS A 70 29.14 28.04 -11.53
C LYS A 70 27.95 28.51 -12.34
N GLU A 71 28.20 29.05 -13.53
CA GLU A 71 27.10 29.53 -14.36
C GLU A 71 26.54 28.43 -15.24
N ILE A 72 25.24 28.17 -15.07
CA ILE A 72 24.55 27.13 -15.81
C ILE A 72 23.51 27.77 -16.72
N LYS A 73 23.64 27.48 -18.01
CA LYS A 73 22.72 28.02 -19.00
C LYS A 73 21.31 27.46 -18.85
N VAL A 74 20.33 28.35 -18.87
CA VAL A 74 18.93 27.97 -18.74
C VAL A 74 18.18 28.19 -20.05
N PHE A 75 17.40 27.20 -20.47
CA PHE A 75 16.62 27.30 -21.70
C PHE A 75 15.15 26.99 -21.43
N ALA A 76 14.28 27.43 -22.32
CA ALA A 76 12.85 27.18 -22.17
C ALA A 76 12.26 26.77 -23.51
N GLN A 77 12.86 25.74 -24.10
CA GLN A 77 12.42 25.20 -25.38
C GLN A 77 11.61 23.93 -25.17
N LYS A 78 10.30 24.00 -25.45
CA LYS A 78 9.44 22.83 -25.29
C LYS A 78 9.77 21.77 -26.33
N ASP A 79 10.36 22.21 -27.44
CA ASP A 79 10.76 21.31 -28.50
C ASP A 79 12.24 21.02 -28.31
N PRO A 80 12.58 19.76 -27.97
CA PRO A 80 13.96 19.31 -27.74
C PRO A 80 14.97 19.54 -28.86
N SER A 81 14.50 19.70 -30.08
CA SER A 81 15.39 19.92 -31.22
C SER A 81 16.01 21.31 -31.19
N GLN A 82 15.37 22.23 -30.48
CA GLN A 82 15.84 23.61 -30.39
C GLN A 82 16.90 23.84 -29.32
N ILE A 83 17.31 22.79 -28.61
CA ILE A 83 18.31 22.94 -27.56
C ILE A 83 19.72 22.70 -28.09
N PRO A 84 20.59 23.71 -28.02
CA PRO A 84 21.99 23.66 -28.49
C PRO A 84 22.98 22.91 -27.60
N TRP A 85 22.66 21.68 -27.23
CA TRP A 85 23.55 20.88 -26.39
C TRP A 85 24.96 20.86 -27.00
N GLY A 86 25.01 20.75 -28.32
CA GLY A 86 26.29 20.71 -29.02
C GLY A 86 27.19 21.91 -28.79
N ASP A 87 26.66 23.12 -28.95
CA ASP A 87 27.46 24.32 -28.75
C ASP A 87 27.76 24.60 -27.29
N LEU A 88 27.17 23.81 -26.41
CA LEU A 88 27.39 23.98 -24.98
C LEU A 88 28.45 23.01 -24.49
N GLY A 89 28.81 22.05 -25.37
CA GLY A 89 29.82 21.06 -25.03
C GLY A 89 29.27 19.94 -24.17
N VAL A 90 27.96 19.71 -24.25
CA VAL A 90 27.31 18.67 -23.46
C VAL A 90 27.59 17.27 -23.99
N ASP A 91 28.05 16.39 -23.09
CA ASP A 91 28.34 15.01 -23.46
C ASP A 91 27.10 14.13 -23.28
N VAL A 92 26.46 14.23 -22.13
CA VAL A 92 25.27 13.45 -21.84
C VAL A 92 24.09 14.32 -21.41
N VAL A 93 22.92 13.96 -21.89
CA VAL A 93 21.70 14.68 -21.56
C VAL A 93 20.75 13.80 -20.76
N ILE A 94 20.26 14.34 -19.64
CA ILE A 94 19.32 13.64 -18.80
C ILE A 94 17.92 14.04 -19.27
N GLU A 95 17.24 13.10 -19.93
CA GLU A 95 15.89 13.32 -20.44
C GLU A 95 14.91 13.00 -19.30
N ALA A 96 14.47 14.04 -18.60
CA ALA A 96 13.57 13.87 -17.47
C ALA A 96 12.31 14.73 -17.50
N THR A 97 11.77 14.99 -18.68
CA THR A 97 10.56 15.79 -18.80
C THR A 97 9.37 14.86 -18.63
N GLY A 98 9.59 13.58 -18.92
CA GLY A 98 8.53 12.59 -18.81
C GLY A 98 7.72 12.39 -20.07
N VAL A 99 7.93 13.21 -21.09
CA VAL A 99 7.16 13.11 -22.34
C VAL A 99 7.95 12.70 -23.59
N PHE A 100 9.24 12.44 -23.43
CA PHE A 100 10.08 12.04 -24.55
C PHE A 100 10.69 10.67 -24.35
N ARG A 101 9.90 9.73 -23.84
CA ARG A 101 10.38 8.38 -23.61
C ARG A 101 10.45 7.57 -24.89
N ASP A 102 9.94 8.12 -25.99
CA ASP A 102 9.97 7.42 -27.27
C ASP A 102 11.35 7.63 -27.91
N ARG A 103 11.77 6.69 -28.74
CA ARG A 103 13.08 6.77 -29.39
C ARG A 103 13.30 7.99 -30.29
N GLU A 104 12.34 8.30 -31.15
CA GLU A 104 12.51 9.43 -32.06
C GLU A 104 12.61 10.79 -31.38
N ASN A 105 11.90 10.96 -30.26
CA ASN A 105 11.96 12.23 -29.53
C ASN A 105 13.22 12.30 -28.70
N ALA A 106 13.57 11.18 -28.06
CA ALA A 106 14.77 11.13 -27.25
C ALA A 106 16.03 11.35 -28.10
N SER A 107 15.98 10.86 -29.34
CA SER A 107 17.12 10.99 -30.25
C SER A 107 17.33 12.41 -30.77
N LYS A 108 16.38 13.30 -30.50
CA LYS A 108 16.53 14.68 -30.94
C LYS A 108 17.71 15.31 -30.22
N HIS A 109 17.90 14.94 -28.95
CA HIS A 109 19.00 15.48 -28.17
C HIS A 109 20.34 15.17 -28.85
N LEU A 110 20.43 14.02 -29.51
CA LEU A 110 21.65 13.63 -30.19
C LEU A 110 21.84 14.53 -31.41
N GLN A 111 20.77 14.69 -32.18
CA GLN A 111 20.79 15.53 -33.36
C GLN A 111 21.05 16.97 -32.95
N GLY A 112 21.27 17.18 -31.66
CA GLY A 112 21.52 18.52 -31.15
C GLY A 112 22.93 18.70 -30.62
N GLY A 113 23.74 17.66 -30.71
CA GLY A 113 25.11 17.75 -30.24
C GLY A 113 25.45 16.88 -29.04
N ALA A 114 24.44 16.21 -28.49
CA ALA A 114 24.65 15.33 -27.35
C ALA A 114 25.22 14.00 -27.83
N LYS A 115 26.15 13.44 -27.06
CA LYS A 115 26.76 12.17 -27.40
C LYS A 115 25.94 10.99 -26.90
N LYS A 116 25.21 11.21 -25.82
CA LYS A 116 24.36 10.16 -25.24
C LYS A 116 23.19 10.74 -24.45
N VAL A 117 22.06 10.04 -24.50
CA VAL A 117 20.89 10.48 -23.78
C VAL A 117 20.46 9.41 -22.79
N ILE A 118 20.14 9.84 -21.57
CA ILE A 118 19.67 8.90 -20.54
C ILE A 118 18.22 9.25 -20.25
N ILE A 119 17.33 8.31 -20.52
CA ILE A 119 15.92 8.51 -20.29
C ILE A 119 15.61 8.08 -18.86
N THR A 120 15.15 9.03 -18.05
CA THR A 120 14.85 8.73 -16.65
C THR A 120 13.55 7.96 -16.48
N ALA A 121 13.37 6.90 -17.26
CA ALA A 121 12.15 6.10 -17.16
C ALA A 121 12.19 4.91 -18.11
N PRO A 122 11.24 3.98 -17.95
CA PRO A 122 11.25 2.85 -18.89
C PRO A 122 10.98 3.46 -20.26
N ALA A 123 11.54 2.89 -21.31
CA ALA A 123 11.34 3.43 -22.63
C ALA A 123 11.00 2.35 -23.66
N LYS A 124 10.52 2.80 -24.81
CA LYS A 124 10.18 1.88 -25.88
C LYS A 124 11.18 2.06 -27.02
N ASN A 125 11.99 1.03 -27.21
CA ASN A 125 13.01 1.02 -28.25
C ASN A 125 14.30 1.78 -27.95
N PRO A 126 14.74 1.78 -26.68
CA PRO A 126 15.99 2.48 -26.39
C PRO A 126 17.09 1.53 -26.85
N ASP A 127 18.34 1.97 -26.87
CA ASP A 127 19.40 1.06 -27.30
C ASP A 127 19.65 0.00 -26.24
N ILE A 128 19.38 0.36 -24.99
CA ILE A 128 19.59 -0.55 -23.87
C ILE A 128 19.01 0.02 -22.58
N THR A 129 18.42 -0.85 -21.78
CA THR A 129 17.87 -0.43 -20.51
C THR A 129 18.83 -0.96 -19.46
N VAL A 130 19.33 -0.06 -18.63
CA VAL A 130 20.29 -0.44 -17.61
C VAL A 130 19.86 -0.17 -16.17
N VAL A 131 20.17 -1.13 -15.31
CA VAL A 131 19.90 -1.00 -13.88
C VAL A 131 21.27 -1.27 -13.26
N LEU A 132 21.85 -0.27 -12.62
CA LEU A 132 23.14 -0.45 -11.98
C LEU A 132 23.11 -1.56 -10.93
N GLY A 133 24.10 -2.43 -10.99
CA GLY A 133 24.18 -3.53 -10.04
C GLY A 133 23.48 -4.77 -10.54
N VAL A 134 22.95 -4.69 -11.75
CA VAL A 134 22.23 -5.82 -12.34
C VAL A 134 22.73 -6.22 -13.72
N ASN A 135 22.82 -5.25 -14.65
CA ASN A 135 23.27 -5.56 -16.00
C ASN A 135 24.03 -4.42 -16.65
N GLU A 136 24.69 -3.59 -15.86
CA GLU A 136 25.40 -2.45 -16.42
C GLU A 136 26.56 -2.86 -17.33
N GLU A 137 27.02 -4.10 -17.19
CA GLU A 137 28.13 -4.58 -18.00
C GLU A 137 27.69 -4.85 -19.44
N LYS A 138 26.39 -5.05 -19.65
CA LYS A 138 25.88 -5.31 -20.99
C LYS A 138 25.82 -4.03 -21.81
N TYR A 139 26.39 -2.96 -21.26
CA TYR A 139 26.42 -1.67 -21.95
C TYR A 139 27.65 -1.56 -22.85
N ASN A 140 27.44 -1.16 -24.09
CA ASN A 140 28.55 -0.99 -25.03
C ASN A 140 28.61 0.43 -25.54
N PRO A 141 29.62 1.19 -25.10
CA PRO A 141 29.83 2.59 -25.48
C PRO A 141 29.52 2.96 -26.92
N LYS A 142 30.13 2.27 -27.87
CA LYS A 142 29.91 2.56 -29.29
C LYS A 142 28.59 2.14 -29.90
N GLU A 143 27.87 1.23 -29.26
CA GLU A 143 26.59 0.77 -29.79
C GLU A 143 25.38 1.41 -29.13
N HIS A 144 25.54 1.86 -27.89
CA HIS A 144 24.41 2.43 -27.16
C HIS A 144 24.51 3.94 -26.90
N ASN A 145 23.57 4.69 -27.45
CA ASN A 145 23.55 6.13 -27.28
C ASN A 145 22.28 6.60 -26.57
N ILE A 146 21.23 5.80 -26.65
CA ILE A 146 19.97 6.11 -26.00
C ILE A 146 19.79 5.09 -24.88
N ILE A 147 20.05 5.53 -23.65
CA ILE A 147 19.97 4.63 -22.50
C ILE A 147 18.80 4.92 -21.56
N SER A 148 18.10 3.87 -21.17
CA SER A 148 17.00 3.99 -20.22
C SER A 148 17.50 3.46 -18.88
N ASN A 149 17.26 4.21 -17.81
CA ASN A 149 17.68 3.79 -16.47
C ASN A 149 16.49 3.13 -15.78
N ALA A 150 15.53 2.70 -16.60
CA ALA A 150 14.31 2.03 -16.13
C ALA A 150 13.55 2.92 -15.17
N SER A 151 12.77 2.31 -14.28
CA SER A 151 12.01 3.09 -13.30
C SER A 151 12.62 2.96 -11.92
N CYS A 152 12.13 3.79 -11.00
CA CYS A 152 12.58 3.76 -9.62
C CYS A 152 12.26 2.37 -9.08
N THR A 153 11.05 1.90 -9.39
CA THR A 153 10.61 0.58 -8.93
C THR A 153 11.50 -0.54 -9.43
N THR A 154 11.89 -0.48 -10.70
CA THR A 154 12.76 -1.51 -11.28
C THR A 154 14.13 -1.54 -10.62
N ASN A 155 14.63 -0.39 -10.22
CA ASN A 155 15.93 -0.33 -9.59
C ASN A 155 15.91 -0.91 -8.20
N CYS A 156 14.72 -1.07 -7.64
CA CYS A 156 14.57 -1.67 -6.31
C CYS A 156 14.32 -3.15 -6.52
N LEU A 157 13.39 -3.45 -7.44
CA LEU A 157 12.99 -4.81 -7.76
C LEU A 157 14.09 -5.69 -8.35
N ALA A 158 14.74 -5.22 -9.41
CA ALA A 158 15.78 -6.02 -10.07
C ALA A 158 16.86 -6.55 -9.13
N PRO A 159 17.49 -5.68 -8.33
CA PRO A 159 18.53 -6.17 -7.43
C PRO A 159 18.01 -7.24 -6.47
N CYS A 160 16.84 -7.02 -5.88
CA CYS A 160 16.29 -7.97 -4.93
C CYS A 160 15.95 -9.31 -5.58
N VAL A 161 15.30 -9.28 -6.76
CA VAL A 161 14.95 -10.53 -7.42
C VAL A 161 16.20 -11.26 -7.88
N LYS A 162 17.26 -10.49 -8.17
CA LYS A 162 18.55 -11.05 -8.59
C LYS A 162 19.15 -11.90 -7.45
N VAL A 163 19.07 -11.40 -6.23
CA VAL A 163 19.59 -12.13 -5.07
C VAL A 163 18.79 -13.42 -4.86
N LEU A 164 17.47 -13.30 -4.96
CA LEU A 164 16.60 -14.46 -4.77
C LEU A 164 16.79 -15.52 -5.86
N ASN A 165 17.02 -15.05 -7.09
CA ASN A 165 17.17 -15.96 -8.20
C ASN A 165 18.48 -16.72 -8.15
N GLU A 166 19.58 -16.01 -7.92
CA GLU A 166 20.89 -16.66 -7.87
C GLU A 166 21.00 -17.62 -6.69
N ALA A 167 20.24 -17.36 -5.63
CA ALA A 167 20.29 -18.22 -4.45
C ALA A 167 19.29 -19.36 -4.45
N PHE A 168 18.07 -19.12 -4.93
CA PHE A 168 17.05 -20.17 -4.90
C PHE A 168 16.40 -20.50 -6.23
N GLY A 169 16.58 -19.63 -7.22
CA GLY A 169 15.98 -19.86 -8.53
C GLY A 169 14.50 -19.51 -8.57
N VAL A 170 14.18 -18.30 -9.06
CA VAL A 170 12.79 -17.87 -9.14
C VAL A 170 12.06 -18.49 -10.33
N GLU A 171 10.95 -19.16 -10.05
CA GLU A 171 10.15 -19.80 -11.08
C GLU A 171 9.05 -18.85 -11.53
N LYS A 172 8.46 -18.15 -10.56
CA LYS A 172 7.41 -17.19 -10.85
C LYS A 172 7.20 -16.31 -9.62
N GLY A 173 6.67 -15.12 -9.84
CA GLY A 173 6.46 -14.23 -8.71
C GLY A 173 5.55 -13.07 -9.04
N TYR A 174 5.21 -12.32 -8.01
CA TYR A 174 4.34 -11.17 -8.15
C TYR A 174 4.84 -10.07 -7.21
N MET A 175 4.76 -8.83 -7.66
CA MET A 175 5.20 -7.71 -6.87
C MET A 175 4.14 -6.61 -6.75
N VAL A 176 3.97 -6.12 -5.53
CA VAL A 176 3.03 -5.05 -5.27
C VAL A 176 3.87 -3.93 -4.66
N THR A 177 3.87 -2.75 -5.28
CA THR A 177 4.65 -1.65 -4.73
C THR A 177 3.72 -0.60 -4.15
N VAL A 178 3.92 -0.26 -2.88
CA VAL A 178 3.14 0.78 -2.20
C VAL A 178 4.06 1.96 -2.47
N HIS A 179 3.61 2.81 -3.39
CA HIS A 179 4.39 3.92 -3.88
C HIS A 179 3.86 5.32 -3.58
N ALA A 180 4.78 6.23 -3.29
CA ALA A 180 4.41 7.62 -3.02
C ALA A 180 3.75 8.18 -4.28
N TYR A 181 2.94 9.23 -4.13
CA TYR A 181 2.30 9.80 -5.30
C TYR A 181 3.33 10.65 -6.05
N THR A 182 3.13 10.83 -7.35
CA THR A 182 4.06 11.64 -8.14
C THR A 182 3.28 12.60 -9.01
N ASN A 183 3.98 13.49 -9.70
CA ASN A 183 3.32 14.47 -10.55
C ASN A 183 2.61 13.90 -11.77
N ASP A 184 2.60 12.59 -11.93
CA ASP A 184 1.88 12.02 -13.07
C ASP A 184 0.45 11.74 -12.57
N GLN A 185 0.20 12.12 -11.33
CA GLN A 185 -1.11 11.98 -10.71
C GLN A 185 -1.71 13.39 -10.60
N ARG A 186 -2.95 13.49 -10.15
CA ARG A 186 -3.60 14.80 -10.02
C ARG A 186 -3.88 15.19 -8.57
N LEU A 187 -3.79 16.48 -8.28
CA LEU A 187 -4.05 17.00 -6.94
C LEU A 187 -5.51 16.77 -6.54
N LEU A 188 -6.42 17.04 -7.46
CA LEU A 188 -7.85 16.80 -7.23
C LEU A 188 -8.38 16.20 -8.53
N ASP A 189 -9.43 15.37 -8.45
CA ASP A 189 -9.99 14.72 -9.65
C ASP A 189 -9.92 15.60 -10.91
N LEU A 190 -9.13 15.18 -11.89
CA LEU A 190 -8.94 15.90 -13.14
C LEU A 190 -8.77 14.92 -14.29
N PRO A 191 -8.98 15.39 -15.53
CA PRO A 191 -8.82 14.48 -16.68
C PRO A 191 -7.39 13.94 -16.77
N HIS A 192 -7.28 12.66 -17.11
CA HIS A 192 -6.01 11.98 -17.25
C HIS A 192 -6.30 10.72 -18.06
N LYS A 193 -5.36 10.28 -18.90
CA LYS A 193 -5.59 9.08 -19.69
C LYS A 193 -5.99 7.89 -18.81
N ASP A 194 -5.33 7.74 -17.67
CA ASP A 194 -5.63 6.66 -16.73
C ASP A 194 -6.76 7.16 -15.81
N PHE A 195 -7.87 6.43 -15.81
CA PHE A 195 -9.02 6.79 -14.99
C PHE A 195 -8.74 6.89 -13.50
N ARG A 196 -7.75 6.15 -13.02
CA ARG A 196 -7.44 6.20 -11.60
C ARG A 196 -6.40 7.26 -11.24
N ARG A 197 -5.39 7.43 -12.09
CA ARG A 197 -4.35 8.43 -11.83
C ARG A 197 -4.95 9.83 -11.90
N ALA A 198 -6.18 9.90 -12.37
CA ALA A 198 -6.88 11.18 -12.50
C ALA A 198 -7.46 11.63 -11.15
N ARG A 199 -7.53 10.70 -10.19
CA ARG A 199 -8.13 10.99 -8.90
C ARG A 199 -7.20 11.66 -7.88
N ALA A 200 -7.78 12.45 -6.98
CA ALA A 200 -7.03 13.16 -5.94
C ALA A 200 -5.99 12.25 -5.28
N ALA A 201 -4.73 12.56 -5.53
CA ALA A 201 -3.62 11.76 -5.02
C ALA A 201 -3.36 11.73 -3.52
N ALA A 202 -3.58 12.86 -2.84
CA ALA A 202 -3.29 12.90 -1.40
C ALA A 202 -4.40 12.42 -0.48
N ILE A 203 -5.49 11.91 -1.05
CA ILE A 203 -6.60 11.40 -0.26
C ILE A 203 -7.14 10.07 -0.76
N ASN A 204 -6.37 9.40 -1.61
CA ASN A 204 -6.79 8.12 -2.17
C ASN A 204 -5.68 7.08 -2.22
N ILE A 205 -6.07 5.82 -2.13
CA ILE A 205 -5.16 4.70 -2.30
C ILE A 205 -5.47 4.52 -3.78
N VAL A 206 -4.45 4.64 -4.63
CA VAL A 206 -4.70 4.55 -6.08
C VAL A 206 -4.03 3.42 -6.83
N PRO A 207 -4.81 2.41 -7.23
CA PRO A 207 -4.23 1.29 -7.96
C PRO A 207 -3.82 1.77 -9.34
N THR A 208 -2.66 1.33 -9.80
CA THR A 208 -2.20 1.69 -11.13
C THR A 208 -1.21 0.66 -11.59
N THR A 209 -0.94 0.66 -12.88
CA THR A 209 -0.01 -0.29 -13.47
C THR A 209 1.43 0.13 -13.29
N THR A 210 2.33 -0.82 -13.52
CA THR A 210 3.76 -0.60 -13.46
C THR A 210 4.37 -1.64 -14.37
N GLY A 211 5.42 -1.29 -15.11
CA GLY A 211 6.04 -2.24 -15.99
C GLY A 211 7.29 -2.88 -15.40
N ALA A 212 7.55 -2.58 -14.12
CA ALA A 212 8.73 -3.09 -13.42
C ALA A 212 8.92 -4.61 -13.47
N ALA A 213 7.86 -5.35 -13.17
CA ALA A 213 7.95 -6.81 -13.17
C ALA A 213 7.83 -7.40 -14.57
N LYS A 214 6.84 -6.95 -15.32
CA LYS A 214 6.61 -7.45 -16.67
C LYS A 214 7.80 -7.24 -17.60
N ALA A 215 8.45 -6.09 -17.49
CA ALA A 215 9.60 -5.76 -18.33
C ALA A 215 10.94 -6.10 -17.67
N ILE A 216 10.88 -6.94 -16.63
CA ILE A 216 12.10 -7.33 -15.91
C ILE A 216 13.04 -8.05 -16.89
N GLY A 217 12.46 -8.64 -17.93
CA GLY A 217 13.24 -9.37 -18.92
C GLY A 217 14.31 -8.52 -19.58
N GLU A 218 14.14 -7.20 -19.55
CA GLU A 218 15.10 -6.31 -20.16
C GLU A 218 16.40 -6.20 -19.38
N VAL A 219 16.36 -6.45 -18.08
CA VAL A 219 17.57 -6.38 -17.26
C VAL A 219 18.02 -7.75 -16.78
N ILE A 220 17.08 -8.69 -16.72
CA ILE A 220 17.37 -10.06 -16.30
C ILE A 220 16.59 -11.00 -17.24
N PRO A 221 17.12 -11.21 -18.45
CA PRO A 221 16.54 -12.06 -19.50
C PRO A 221 15.82 -13.35 -19.10
N GLU A 222 16.41 -14.14 -18.21
CA GLU A 222 15.80 -15.40 -17.79
C GLU A 222 14.52 -15.28 -16.96
N LEU A 223 14.19 -14.08 -16.53
CA LEU A 223 12.99 -13.90 -15.73
C LEU A 223 11.83 -13.39 -16.57
N LYS A 224 12.10 -13.14 -17.85
CA LYS A 224 11.08 -12.65 -18.78
C LYS A 224 9.84 -13.53 -18.72
N GLY A 225 8.68 -12.90 -18.60
CA GLY A 225 7.43 -13.64 -18.54
C GLY A 225 7.25 -14.44 -17.26
N LYS A 226 8.09 -14.19 -16.26
CA LYS A 226 8.02 -14.92 -15.00
C LYS A 226 7.35 -14.12 -13.90
N LEU A 227 7.40 -12.79 -14.03
CA LEU A 227 6.84 -11.93 -13.01
C LEU A 227 5.78 -10.96 -13.51
N ASP A 228 4.86 -10.64 -12.62
CA ASP A 228 3.83 -9.65 -12.90
C ASP A 228 3.84 -8.72 -11.69
N GLY A 229 3.37 -7.50 -11.90
CA GLY A 229 3.36 -6.56 -10.81
C GLY A 229 2.29 -5.50 -10.97
N THR A 230 2.15 -4.70 -9.92
CA THR A 230 1.18 -3.64 -9.90
C THR A 230 1.63 -2.62 -8.86
N ALA A 231 1.03 -1.44 -8.88
CA ALA A 231 1.38 -0.39 -7.94
C ALA A 231 0.18 0.15 -7.19
N ARG A 232 0.41 0.55 -5.95
CA ARG A 232 -0.64 1.13 -5.14
C ARG A 232 -0.08 2.48 -4.71
N ARG A 233 -0.58 3.55 -5.33
CA ARG A 233 -0.14 4.89 -5.00
C ARG A 233 -0.86 5.33 -3.75
N VAL A 234 -0.12 5.84 -2.76
CA VAL A 234 -0.67 6.28 -1.49
C VAL A 234 -0.21 7.69 -1.12
N PRO A 235 -0.89 8.33 -0.16
CA PRO A 235 -0.62 9.69 0.33
C PRO A 235 0.66 10.07 1.09
N VAL A 236 1.82 9.81 0.50
CA VAL A 236 3.09 10.26 1.07
C VAL A 236 3.72 10.96 -0.11
N PRO A 237 4.38 12.11 0.13
CA PRO A 237 5.01 12.88 -0.95
C PRO A 237 6.26 12.23 -1.57
N ASP A 238 6.84 11.26 -0.88
CA ASP A 238 8.03 10.58 -1.38
C ASP A 238 8.33 9.38 -0.49
N GLY A 239 8.99 8.38 -1.06
CA GLY A 239 9.29 7.18 -0.30
C GLY A 239 8.39 6.04 -0.75
N SER A 240 8.98 4.92 -1.14
CA SER A 240 8.18 3.81 -1.60
C SER A 240 8.70 2.47 -1.06
N LEU A 241 7.90 1.43 -1.24
CA LEU A 241 8.22 0.10 -0.75
C LEU A 241 7.72 -0.94 -1.73
N ILE A 242 8.49 -2.00 -1.91
CA ILE A 242 8.05 -3.07 -2.79
C ILE A 242 7.79 -4.30 -1.92
N ASP A 243 6.79 -5.07 -2.33
CA ASP A 243 6.45 -6.31 -1.65
C ASP A 243 6.55 -7.34 -2.78
N LEU A 244 7.49 -8.27 -2.63
CA LEU A 244 7.73 -9.28 -3.64
C LEU A 244 7.52 -10.70 -3.16
N THR A 245 6.61 -11.41 -3.81
CA THR A 245 6.33 -12.80 -3.47
C THR A 245 6.78 -13.67 -4.64
N VAL A 246 7.68 -14.62 -4.36
CA VAL A 246 8.17 -15.51 -5.41
C VAL A 246 8.08 -16.98 -5.02
N VAL A 247 7.96 -17.83 -6.01
CA VAL A 247 7.93 -19.27 -5.81
C VAL A 247 9.31 -19.64 -6.31
N VAL A 248 10.08 -20.34 -5.48
CA VAL A 248 11.44 -20.71 -5.86
C VAL A 248 11.65 -22.21 -6.07
N ASN A 249 12.75 -22.56 -6.72
CA ASN A 249 13.07 -23.96 -6.97
C ASN A 249 13.71 -24.58 -5.72
N LYS A 250 14.56 -23.81 -5.05
CA LYS A 250 15.24 -24.28 -3.85
C LYS A 250 14.61 -23.64 -2.61
N ALA A 251 13.66 -24.34 -2.00
CA ALA A 251 12.99 -23.84 -0.81
C ALA A 251 14.01 -23.53 0.27
N PRO A 252 14.05 -22.29 0.76
CA PRO A 252 15.02 -21.94 1.81
C PRO A 252 14.75 -22.70 3.10
N SER A 253 15.81 -22.96 3.86
CA SER A 253 15.67 -23.68 5.11
C SER A 253 15.00 -22.82 6.18
N SER A 254 14.97 -21.51 5.96
CA SER A 254 14.36 -20.61 6.94
C SER A 254 14.36 -19.16 6.45
N VAL A 255 13.71 -18.30 7.21
CA VAL A 255 13.66 -16.88 6.89
C VAL A 255 15.07 -16.31 6.99
N GLU A 256 15.83 -16.76 7.98
CA GLU A 256 17.19 -16.26 8.16
C GLU A 256 18.14 -16.64 7.02
N GLU A 257 17.90 -17.76 6.35
CA GLU A 257 18.75 -18.14 5.24
C GLU A 257 18.53 -17.14 4.11
N VAL A 258 17.27 -16.72 3.92
CA VAL A 258 16.94 -15.74 2.90
C VAL A 258 17.61 -14.41 3.23
N ASN A 259 17.47 -13.96 4.47
CA ASN A 259 18.06 -12.69 4.88
C ASN A 259 19.57 -12.65 4.75
N GLU A 260 20.22 -13.75 5.11
CA GLU A 260 21.67 -13.87 5.01
C GLU A 260 22.13 -13.59 3.57
N LYS A 261 21.39 -14.13 2.60
CA LYS A 261 21.74 -13.93 1.19
C LYS A 261 21.77 -12.45 0.84
N PHE A 262 20.85 -11.68 1.43
CA PHE A 262 20.80 -10.25 1.18
C PHE A 262 21.93 -9.54 1.91
N ARG A 263 22.24 -9.99 3.13
CA ARG A 263 23.34 -9.39 3.88
C ARG A 263 24.63 -9.56 3.06
N GLU A 264 24.80 -10.75 2.49
CA GLU A 264 25.99 -11.07 1.70
C GLU A 264 26.05 -10.37 0.35
N ALA A 265 24.89 -10.20 -0.28
CA ALA A 265 24.84 -9.53 -1.57
C ALA A 265 25.22 -8.07 -1.38
N ALA A 266 24.74 -7.48 -0.30
CA ALA A 266 25.04 -6.08 0.00
C ALA A 266 26.55 -5.95 0.25
N GLN A 267 27.10 -6.89 1.02
CA GLN A 267 28.53 -6.88 1.30
C GLN A 267 29.34 -7.01 0.01
N LYS A 268 28.87 -7.85 -0.91
CA LYS A 268 29.57 -8.07 -2.17
C LYS A 268 29.65 -6.79 -3.01
N TYR A 269 28.56 -6.04 -3.08
CA TYR A 269 28.55 -4.79 -3.83
C TYR A 269 29.57 -3.79 -3.27
N ARG A 270 29.66 -3.70 -1.95
CA ARG A 270 30.57 -2.76 -1.30
C ARG A 270 32.04 -3.11 -1.43
N GLU A 271 32.36 -4.38 -1.65
CA GLU A 271 33.75 -4.79 -1.77
C GLU A 271 34.19 -4.98 -3.23
N SER A 272 33.30 -4.66 -4.16
CA SER A 272 33.60 -4.80 -5.57
C SER A 272 34.61 -3.74 -6.00
N GLY A 273 34.68 -2.66 -5.24
CA GLY A 273 35.60 -1.59 -5.54
C GLY A 273 35.01 -0.59 -6.53
N LYS A 274 33.82 -0.88 -7.03
CA LYS A 274 33.15 -0.01 -7.99
C LYS A 274 32.34 1.06 -7.26
N VAL A 275 32.68 2.32 -7.51
CA VAL A 275 32.00 3.43 -6.87
C VAL A 275 30.52 3.47 -7.24
N TYR A 276 30.18 3.02 -8.44
CA TYR A 276 28.80 3.03 -8.90
C TYR A 276 27.96 1.89 -8.33
N LEU A 277 28.56 1.03 -7.51
CA LEU A 277 27.84 -0.09 -6.91
C LEU A 277 27.82 -0.01 -5.39
N LYS A 278 28.31 1.11 -4.83
CA LYS A 278 28.35 1.26 -3.38
C LYS A 278 27.00 1.54 -2.70
N GLU A 279 26.04 2.07 -3.44
CA GLU A 279 24.73 2.37 -2.85
C GLU A 279 23.60 1.62 -3.53
N ILE A 280 23.85 0.38 -3.91
CA ILE A 280 22.81 -0.39 -4.56
C ILE A 280 21.88 -1.06 -3.56
N LEU A 281 22.47 -1.84 -2.66
CA LEU A 281 21.67 -2.56 -1.68
C LEU A 281 22.09 -2.32 -0.24
N GLN A 282 21.11 -2.01 0.60
CA GLN A 282 21.37 -1.80 2.01
C GLN A 282 20.61 -2.86 2.78
N TYR A 283 21.30 -3.54 3.68
CA TYR A 283 20.67 -4.56 4.52
C TYR A 283 20.30 -3.86 5.82
N CYS A 284 19.00 -3.77 6.09
CA CYS A 284 18.53 -3.09 7.30
C CYS A 284 17.75 -4.03 8.22
N GLU A 285 17.93 -3.85 9.53
CA GLU A 285 17.22 -4.67 10.50
C GLU A 285 16.46 -3.83 11.52
N ASP A 286 16.47 -2.51 11.36
CA ASP A 286 15.75 -1.63 12.27
C ASP A 286 14.31 -1.47 11.78
N PRO A 287 13.34 -1.42 12.71
CA PRO A 287 11.95 -1.26 12.28
C PRO A 287 11.73 0.18 11.84
N ILE A 288 11.69 0.39 10.53
CA ILE A 288 11.52 1.73 9.98
C ILE A 288 10.20 1.95 9.24
N VAL A 289 9.96 3.20 8.87
CA VAL A 289 8.76 3.59 8.14
C VAL A 289 9.23 4.47 6.99
N SER A 290 8.33 4.80 6.06
CA SER A 290 8.71 5.60 4.90
C SER A 290 9.55 6.87 5.13
N THR A 291 9.18 7.73 6.08
CA THR A 291 9.98 8.95 6.29
C THR A 291 11.45 8.67 6.62
N ASP A 292 11.73 7.51 7.19
CA ASP A 292 13.11 7.17 7.54
C ASP A 292 14.03 6.93 6.33
N ILE A 293 13.45 6.59 5.18
CA ILE A 293 14.26 6.35 4.00
C ILE A 293 14.29 7.50 3.01
N VAL A 294 13.65 8.61 3.34
CA VAL A 294 13.67 9.79 2.48
C VAL A 294 15.09 10.35 2.62
N GLY A 295 15.80 10.45 1.49
CA GLY A 295 17.17 10.93 1.53
C GLY A 295 18.16 9.77 1.48
N ASN A 296 17.64 8.54 1.51
CA ASN A 296 18.50 7.35 1.45
C ASN A 296 18.87 7.17 -0.03
N PRO A 297 20.17 7.05 -0.35
CA PRO A 297 20.58 6.89 -1.74
C PRO A 297 20.54 5.50 -2.35
N HIS A 298 20.26 4.48 -1.55
CA HIS A 298 20.24 3.12 -2.08
C HIS A 298 19.09 2.81 -3.03
N SER A 299 19.34 1.89 -3.95
CA SER A 299 18.31 1.49 -4.90
C SER A 299 17.31 0.62 -4.17
N ALA A 300 17.79 -0.04 -3.13
CA ALA A 300 16.95 -0.93 -2.35
C ALA A 300 17.44 -1.05 -0.91
N ILE A 301 16.53 -0.79 0.02
CA ILE A 301 16.80 -0.90 1.45
C ILE A 301 16.00 -2.11 1.93
N PHE A 302 16.66 -3.26 1.96
CA PHE A 302 16.06 -4.54 2.35
C PHE A 302 15.64 -4.52 3.82
N ASP A 303 14.36 -4.78 4.06
CA ASP A 303 13.79 -4.80 5.42
C ASP A 303 13.70 -6.25 5.92
N ALA A 304 14.81 -6.76 6.46
CA ALA A 304 14.91 -8.14 6.94
C ALA A 304 13.76 -8.65 7.80
N PRO A 305 13.31 -7.85 8.77
CA PRO A 305 12.20 -8.26 9.64
C PRO A 305 10.90 -8.56 8.92
N LEU A 306 10.78 -8.14 7.66
CA LEU A 306 9.55 -8.38 6.91
C LEU A 306 9.53 -9.63 6.05
N THR A 307 10.66 -10.35 6.03
CA THR A 307 10.77 -11.56 5.23
C THR A 307 9.92 -12.69 5.81
N GLN A 308 9.23 -13.42 4.93
CA GLN A 308 8.41 -14.53 5.35
C GLN A 308 8.58 -15.68 4.37
N VAL A 309 8.51 -16.90 4.88
CA VAL A 309 8.68 -18.07 4.04
C VAL A 309 7.69 -19.17 4.40
N ILE A 310 7.08 -19.75 3.38
CA ILE A 310 6.15 -20.87 3.54
C ILE A 310 6.64 -21.85 2.49
N ASP A 311 7.42 -22.82 2.92
CA ASP A 311 8.00 -23.81 2.02
C ASP A 311 8.78 -23.13 0.91
N ASN A 312 8.32 -23.23 -0.33
CA ASN A 312 9.05 -22.60 -1.43
C ASN A 312 8.44 -21.26 -1.85
N LEU A 313 7.57 -20.72 -1.00
CA LEU A 313 6.97 -19.42 -1.28
C LEU A 313 7.77 -18.43 -0.44
N VAL A 314 8.34 -17.43 -1.11
CA VAL A 314 9.16 -16.45 -0.41
C VAL A 314 8.69 -15.02 -0.57
N HIS A 315 8.63 -14.30 0.54
CA HIS A 315 8.20 -12.92 0.49
C HIS A 315 9.19 -11.98 1.15
N ILE A 316 9.55 -10.91 0.45
CA ILE A 316 10.46 -9.91 1.01
C ILE A 316 9.91 -8.52 0.72
N ALA A 317 10.46 -7.53 1.41
CA ALA A 317 10.07 -6.15 1.24
C ALA A 317 11.32 -5.29 1.25
N ALA A 318 11.35 -4.27 0.40
CA ALA A 318 12.50 -3.38 0.31
C ALA A 318 12.04 -1.96 -0.01
N TRP A 319 12.58 -1.00 0.73
CA TRP A 319 12.26 0.41 0.55
C TRP A 319 13.11 1.06 -0.51
N TYR A 320 12.68 2.25 -0.92
CA TYR A 320 13.42 3.05 -1.88
C TYR A 320 12.85 4.45 -2.00
N ASP A 321 13.71 5.44 -1.83
CA ASP A 321 13.30 6.83 -1.99
C ASP A 321 13.20 6.94 -3.52
N ASN A 322 11.97 6.86 -4.03
CA ASN A 322 11.75 6.90 -5.47
C ASN A 322 12.38 8.07 -6.21
N GLU A 323 12.56 9.20 -5.52
CA GLU A 323 13.16 10.36 -6.16
C GLU A 323 14.68 10.37 -5.98
N TRP A 324 15.11 10.24 -4.72
CA TRP A 324 16.52 10.30 -4.37
C TRP A 324 17.38 9.11 -4.79
N GLY A 325 16.96 7.90 -4.44
CA GLY A 325 17.73 6.72 -4.82
C GLY A 325 17.92 6.62 -6.33
N TYR A 326 16.84 6.88 -7.05
CA TYR A 326 16.86 6.83 -8.50
C TYR A 326 17.78 7.91 -9.06
N SER A 327 17.71 9.11 -8.48
CA SER A 327 18.54 10.20 -8.94
C SER A 327 20.00 9.94 -8.67
N CYS A 328 20.29 9.24 -7.57
CA CYS A 328 21.66 8.91 -7.25
C CYS A 328 22.15 7.85 -8.24
N ARG A 329 21.23 7.02 -8.72
CA ARG A 329 21.61 6.01 -9.71
C ARG A 329 21.90 6.74 -11.03
N LEU A 330 21.17 7.82 -11.30
CA LEU A 330 21.41 8.60 -12.52
C LEU A 330 22.78 9.21 -12.42
N ARG A 331 23.14 9.68 -11.23
CA ARG A 331 24.44 10.28 -11.01
C ARG A 331 25.53 9.23 -11.21
N ASP A 332 25.29 8.03 -10.68
CA ASP A 332 26.27 6.96 -10.81
C ASP A 332 26.34 6.42 -12.24
N LEU A 333 25.23 6.50 -12.97
CA LEU A 333 25.21 6.01 -14.34
C LEU A 333 26.01 6.96 -15.22
N VAL A 334 25.95 8.25 -14.93
CA VAL A 334 26.70 9.23 -15.69
C VAL A 334 28.18 8.98 -15.46
N ILE A 335 28.53 8.72 -14.21
CA ILE A 335 29.90 8.44 -13.81
C ILE A 335 30.40 7.16 -14.50
N TYR A 336 29.53 6.16 -14.54
CA TYR A 336 29.89 4.89 -15.16
C TYR A 336 30.20 5.07 -16.65
N LEU A 337 29.41 5.91 -17.32
CA LEU A 337 29.61 6.17 -18.74
C LEU A 337 30.99 6.78 -18.96
N ALA A 338 31.40 7.64 -18.04
CA ALA A 338 32.70 8.29 -18.13
C ALA A 338 33.78 7.21 -18.20
N GLU A 339 33.62 6.17 -17.40
CA GLU A 339 34.57 5.07 -17.37
C GLU A 339 34.43 4.17 -18.59
N ARG A 340 33.23 4.13 -19.18
CA ARG A 340 32.93 3.30 -20.36
C ARG A 340 32.51 1.89 -19.96
N ALA B 2 -37.40 -7.36 18.21
CA ALA B 2 -35.99 -6.89 18.03
C ALA B 2 -35.12 -7.29 19.22
N ILE B 3 -33.84 -7.56 18.95
CA ILE B 3 -32.90 -7.93 19.99
C ILE B 3 -32.34 -6.67 20.63
N LYS B 4 -32.29 -6.64 21.96
CA LYS B 4 -31.76 -5.50 22.68
C LYS B 4 -30.23 -5.54 22.61
N VAL B 5 -29.64 -4.43 22.17
CA VAL B 5 -28.19 -4.36 22.04
C VAL B 5 -27.53 -3.29 22.91
N GLY B 6 -26.37 -3.63 23.43
CA GLY B 6 -25.60 -2.71 24.26
C GLY B 6 -24.25 -2.53 23.57
N ILE B 7 -23.71 -1.33 23.62
CA ILE B 7 -22.41 -1.09 22.99
C ILE B 7 -21.39 -0.65 24.03
N ASN B 8 -20.27 -1.35 24.07
CA ASN B 8 -19.20 -0.98 24.99
C ASN B 8 -18.06 -0.52 24.12
N GLY B 9 -17.77 0.78 24.18
CA GLY B 9 -16.72 1.35 23.36
C GLY B 9 -17.40 2.01 22.18
N PHE B 10 -17.78 3.28 22.38
CA PHE B 10 -18.48 4.03 21.34
C PHE B 10 -17.46 4.76 20.45
N GLY B 11 -16.54 3.98 19.88
CA GLY B 11 -15.50 4.54 19.03
C GLY B 11 -15.81 4.48 17.54
N ARG B 12 -14.78 4.34 16.71
CA ARG B 12 -15.00 4.28 15.27
C ARG B 12 -15.95 3.14 14.92
N ILE B 13 -15.70 1.96 15.48
CA ILE B 13 -16.54 0.81 15.21
C ILE B 13 -17.86 0.90 15.96
N GLY B 14 -17.78 1.26 17.24
CA GLY B 14 -18.99 1.38 18.05
C GLY B 14 -19.98 2.35 17.43
N ARG B 15 -19.51 3.51 17.01
CA ARG B 15 -20.39 4.50 16.40
C ARG B 15 -20.85 4.10 15.00
N SER B 16 -19.96 3.51 14.21
CA SER B 16 -20.33 3.08 12.86
C SER B 16 -21.36 1.95 12.98
N PHE B 17 -21.19 1.09 13.98
CA PHE B 17 -22.15 0.01 14.20
C PHE B 17 -23.52 0.64 14.48
N PHE B 18 -23.52 1.68 15.32
CA PHE B 18 -24.74 2.39 15.68
C PHE B 18 -25.44 2.94 14.44
N ARG B 19 -24.67 3.61 13.56
CA ARG B 19 -25.21 4.20 12.34
C ARG B 19 -25.71 3.17 11.35
N ALA B 20 -24.99 2.06 11.23
CA ALA B 20 -25.34 1.00 10.30
C ALA B 20 -26.61 0.25 10.72
N SER B 21 -26.85 0.13 12.01
CA SER B 21 -28.02 -0.61 12.44
C SER B 21 -29.18 0.31 12.83
N TRP B 22 -29.03 1.62 12.62
CA TRP B 22 -30.11 2.54 12.97
C TRP B 22 -31.22 2.56 11.92
N GLY B 23 -32.45 2.38 12.39
CA GLY B 23 -33.58 2.37 11.48
C GLY B 23 -34.02 0.94 11.21
N ARG B 24 -33.12 -0.01 11.43
CA ARG B 24 -33.39 -1.42 11.22
C ARG B 24 -34.27 -1.94 12.36
N GLU B 25 -35.47 -2.39 12.02
CA GLU B 25 -36.42 -2.88 13.01
C GLU B 25 -35.95 -4.11 13.77
N GLU B 26 -35.01 -4.85 13.17
CA GLU B 26 -34.49 -6.06 13.79
C GLU B 26 -33.64 -5.76 15.05
N ILE B 27 -33.03 -4.59 15.09
CA ILE B 27 -32.16 -4.20 16.20
C ILE B 27 -32.66 -3.01 17.00
N GLU B 28 -32.36 -3.03 18.29
CA GLU B 28 -32.74 -1.95 19.19
C GLU B 28 -31.58 -1.69 20.14
N ILE B 29 -30.91 -0.57 19.97
CA ILE B 29 -29.79 -0.21 20.84
C ILE B 29 -30.38 0.50 22.05
N VAL B 30 -30.10 -0.02 23.23
CA VAL B 30 -30.65 0.57 24.45
C VAL B 30 -29.64 1.16 25.42
N ALA B 31 -28.38 0.76 25.31
CA ALA B 31 -27.36 1.29 26.22
C ALA B 31 -26.00 1.45 25.56
N ILE B 32 -25.25 2.44 26.04
CA ILE B 32 -23.92 2.70 25.52
C ILE B 32 -22.99 3.05 26.67
N ASN B 33 -21.78 2.49 26.63
CA ASN B 33 -20.80 2.76 27.66
C ASN B 33 -19.48 3.17 27.01
N ASP B 34 -18.85 4.20 27.57
CA ASP B 34 -17.58 4.68 27.08
C ASP B 34 -16.86 5.32 28.27
N LEU B 35 -16.03 6.33 28.01
CA LEU B 35 -15.28 6.98 29.09
C LEU B 35 -15.51 8.48 29.17
N THR B 36 -16.64 8.96 28.67
CA THR B 36 -16.91 10.39 28.69
C THR B 36 -18.42 10.65 28.90
N ASP B 37 -18.82 11.91 28.94
CA ASP B 37 -20.24 12.23 29.15
C ASP B 37 -21.10 12.11 27.90
N ALA B 38 -22.40 11.94 28.12
CA ALA B 38 -23.36 11.79 27.03
C ALA B 38 -23.24 12.89 25.97
N LYS B 39 -22.95 14.11 26.42
CA LYS B 39 -22.83 15.26 25.52
C LYS B 39 -21.71 15.04 24.47
N HIS B 40 -20.55 14.58 24.93
CA HIS B 40 -19.43 14.32 24.04
C HIS B 40 -19.75 13.16 23.12
N LEU B 41 -20.45 12.15 23.63
CA LEU B 41 -20.81 11.00 22.81
C LEU B 41 -21.77 11.41 21.70
N ALA B 42 -22.81 12.16 22.08
CA ALA B 42 -23.80 12.62 21.13
C ALA B 42 -23.16 13.43 20.01
N HIS B 43 -22.24 14.32 20.38
CA HIS B 43 -21.55 15.15 19.39
C HIS B 43 -20.70 14.32 18.42
N LEU B 44 -20.01 13.32 18.96
CA LEU B 44 -19.18 12.44 18.14
C LEU B 44 -20.09 11.65 17.19
N LEU B 45 -21.23 11.22 17.69
CA LEU B 45 -22.18 10.48 16.88
C LEU B 45 -22.73 11.36 15.77
N LYS B 46 -23.07 12.61 16.11
CA LYS B 46 -23.63 13.54 15.14
C LYS B 46 -22.68 13.93 14.01
N TYR B 47 -21.48 14.37 14.37
CA TYR B 47 -20.50 14.81 13.38
C TYR B 47 -19.33 13.83 13.22
N ASP B 48 -19.26 13.18 12.06
CA ASP B 48 -18.20 12.23 11.77
C ASP B 48 -17.30 12.74 10.65
N SER B 49 -15.99 12.74 10.89
CA SER B 49 -15.03 13.23 9.92
C SER B 49 -14.98 12.44 8.62
N VAL B 50 -15.42 11.19 8.66
CA VAL B 50 -15.38 10.37 7.48
C VAL B 50 -16.76 10.02 6.91
N HIS B 51 -17.72 9.76 7.80
CA HIS B 51 -19.05 9.37 7.33
C HIS B 51 -20.15 10.43 7.31
N GLY B 52 -19.76 11.69 7.42
CA GLY B 52 -20.72 12.77 7.36
C GLY B 52 -21.59 12.94 8.59
N ILE B 53 -22.53 13.88 8.47
CA ILE B 53 -23.45 14.20 9.54
C ILE B 53 -24.54 13.13 9.69
N PHE B 54 -24.81 12.75 10.92
CA PHE B 54 -25.83 11.75 11.22
C PHE B 54 -27.23 12.22 10.78
N LYS B 55 -27.98 11.32 10.14
CA LYS B 55 -29.32 11.63 9.66
C LYS B 55 -30.35 11.96 10.75
N GLY B 56 -30.49 11.08 11.73
CA GLY B 56 -31.46 11.34 12.78
C GLY B 56 -31.15 12.57 13.63
N SER B 57 -32.04 12.90 14.55
CA SER B 57 -31.81 14.03 15.43
C SER B 57 -31.22 13.50 16.72
N VAL B 58 -30.09 14.07 17.13
CA VAL B 58 -29.40 13.65 18.34
C VAL B 58 -29.49 14.71 19.44
N GLU B 59 -29.92 14.29 20.61
CA GLU B 59 -30.03 15.19 21.76
C GLU B 59 -29.29 14.56 22.93
N ALA B 60 -28.66 15.40 23.75
CA ALA B 60 -27.92 14.89 24.90
C ALA B 60 -28.58 15.24 26.21
N LYS B 61 -28.57 14.29 27.14
CA LYS B 61 -29.11 14.47 28.48
C LYS B 61 -27.99 14.15 29.45
N ASP B 62 -28.28 14.18 30.74
CA ASP B 62 -27.25 13.90 31.74
C ASP B 62 -26.77 12.44 31.68
N ASP B 63 -27.71 11.50 31.66
CA ASP B 63 -27.39 10.07 31.65
C ASP B 63 -27.77 9.34 30.38
N SER B 64 -27.92 10.07 29.27
CA SER B 64 -28.30 9.42 28.03
C SER B 64 -28.34 10.34 26.85
N ILE B 65 -28.56 9.75 25.69
CA ILE B 65 -28.69 10.50 24.46
C ILE B 65 -30.04 10.09 23.89
N VAL B 66 -30.69 11.03 23.20
CA VAL B 66 -31.97 10.73 22.62
C VAL B 66 -31.79 10.84 21.12
N VAL B 67 -32.02 9.74 20.42
CA VAL B 67 -31.88 9.70 18.97
C VAL B 67 -33.26 9.45 18.42
N ASP B 68 -33.75 10.39 17.62
CA ASP B 68 -35.09 10.31 17.03
C ASP B 68 -36.16 10.03 18.08
N GLY B 69 -36.03 10.67 19.23
CA GLY B 69 -37.01 10.50 20.29
C GLY B 69 -36.81 9.26 21.16
N LYS B 70 -35.83 8.43 20.83
CA LYS B 70 -35.59 7.21 21.61
C LYS B 70 -34.43 7.45 22.57
N GLU B 71 -34.68 7.18 23.85
CA GLU B 71 -33.67 7.36 24.88
C GLU B 71 -32.74 6.16 24.95
N ILE B 72 -31.44 6.44 25.08
CA ILE B 72 -30.42 5.40 25.15
C ILE B 72 -29.51 5.70 26.31
N LYS B 73 -29.61 4.90 27.37
CA LYS B 73 -28.79 5.09 28.55
C LYS B 73 -27.31 5.12 28.22
N VAL B 74 -26.58 6.05 28.84
CA VAL B 74 -25.15 6.18 28.63
C VAL B 74 -24.40 6.01 29.95
N PHE B 75 -23.37 5.18 29.92
CA PHE B 75 -22.53 4.90 31.09
C PHE B 75 -21.09 5.30 30.82
N ALA B 76 -20.32 5.49 31.88
CA ALA B 76 -18.92 5.86 31.76
C ALA B 76 -18.16 5.04 32.80
N GLN B 77 -18.16 3.73 32.61
CA GLN B 77 -17.48 2.80 33.51
C GLN B 77 -16.33 2.11 32.79
N LYS B 78 -15.09 2.41 33.17
CA LYS B 78 -13.93 1.78 32.51
C LYS B 78 -13.84 0.29 32.84
N ASP B 79 -14.47 -0.12 33.93
CA ASP B 79 -14.50 -1.52 34.31
C ASP B 79 -15.86 -2.08 33.90
N PRO B 80 -15.87 -2.94 32.88
CA PRO B 80 -17.07 -3.57 32.32
C PRO B 80 -18.01 -4.29 33.30
N SER B 81 -17.47 -4.77 34.42
CA SER B 81 -18.28 -5.46 35.41
C SER B 81 -19.34 -4.54 36.00
N GLN B 82 -19.09 -3.23 35.94
CA GLN B 82 -19.99 -2.23 36.49
C GLN B 82 -21.17 -1.80 35.61
N ILE B 83 -21.36 -2.47 34.48
CA ILE B 83 -22.46 -2.10 33.58
C ILE B 83 -23.68 -3.02 33.79
N PRO B 84 -24.84 -2.43 34.12
CA PRO B 84 -26.07 -3.19 34.34
C PRO B 84 -26.82 -3.55 33.06
N TRP B 85 -26.20 -4.39 32.23
CA TRP B 85 -26.85 -4.80 31.00
C TRP B 85 -28.12 -5.56 31.37
N GLY B 86 -28.06 -6.29 32.48
CA GLY B 86 -29.19 -7.08 32.94
C GLY B 86 -30.43 -6.26 33.22
N ASP B 87 -30.27 -5.15 33.93
CA ASP B 87 -31.40 -4.29 34.26
C ASP B 87 -31.93 -3.58 33.01
N LEU B 88 -31.05 -3.37 32.04
CA LEU B 88 -31.42 -2.72 30.80
C LEU B 88 -32.07 -3.68 29.82
N GLY B 89 -31.97 -4.97 30.09
CA GLY B 89 -32.57 -5.97 29.22
C GLY B 89 -31.78 -6.24 27.94
N VAL B 90 -30.48 -5.96 27.97
CA VAL B 90 -29.63 -6.17 26.80
C VAL B 90 -29.34 -7.65 26.55
N ASP B 91 -29.54 -8.06 25.30
CA ASP B 91 -29.31 -9.44 24.88
C ASP B 91 -27.86 -9.61 24.40
N VAL B 92 -27.45 -8.74 23.48
CA VAL B 92 -26.11 -8.81 22.92
C VAL B 92 -25.32 -7.54 23.19
N VAL B 93 -24.07 -7.71 23.60
CA VAL B 93 -23.19 -6.58 23.88
C VAL B 93 -22.08 -6.54 22.83
N ILE B 94 -21.90 -5.40 22.19
CA ILE B 94 -20.85 -5.23 21.20
C ILE B 94 -19.63 -4.72 21.97
N GLU B 95 -18.61 -5.56 22.07
CA GLU B 95 -17.38 -5.21 22.77
C GLU B 95 -16.41 -4.59 21.76
N ALA B 96 -16.38 -3.26 21.73
CA ALA B 96 -15.55 -2.52 20.78
C ALA B 96 -14.62 -1.49 21.42
N THR B 97 -14.13 -1.77 22.62
CA THR B 97 -13.21 -0.83 23.28
C THR B 97 -11.81 -1.10 22.74
N GLY B 98 -11.60 -2.34 22.32
CA GLY B 98 -10.29 -2.73 21.82
C GLY B 98 -9.38 -3.27 22.89
N VAL B 99 -9.80 -3.19 24.17
CA VAL B 99 -8.97 -3.67 25.27
C VAL B 99 -9.54 -4.85 26.06
N PHE B 100 -10.69 -5.38 25.63
CA PHE B 100 -11.28 -6.52 26.33
C PHE B 100 -11.46 -7.70 25.38
N ARG B 101 -10.42 -7.97 24.61
CA ARG B 101 -10.45 -9.07 23.65
C ARG B 101 -10.21 -10.42 24.31
N ASP B 102 -9.66 -10.40 25.51
CA ASP B 102 -9.40 -11.64 26.23
C ASP B 102 -10.72 -12.19 26.81
N ARG B 103 -10.85 -13.51 26.78
CA ARG B 103 -12.05 -14.20 27.26
C ARG B 103 -12.54 -13.80 28.64
N GLU B 104 -11.68 -13.81 29.65
CA GLU B 104 -12.14 -13.47 30.99
C GLU B 104 -12.68 -12.04 31.09
N ASN B 105 -12.16 -11.14 30.28
CA ASN B 105 -12.66 -9.76 30.33
C ASN B 105 -13.96 -9.61 29.57
N ALA B 106 -14.02 -10.24 28.40
CA ALA B 106 -15.21 -10.17 27.56
C ALA B 106 -16.41 -10.83 28.22
N SER B 107 -16.16 -11.87 29.01
CA SER B 107 -17.24 -12.58 29.67
C SER B 107 -17.80 -11.78 30.85
N LYS B 108 -17.15 -10.68 31.20
CA LYS B 108 -17.64 -9.87 32.29
C LYS B 108 -19.00 -9.28 31.93
N HIS B 109 -19.26 -9.12 30.63
CA HIS B 109 -20.53 -8.58 30.16
C HIS B 109 -21.63 -9.60 30.44
N LEU B 110 -21.29 -10.87 30.29
CA LEU B 110 -22.24 -11.94 30.54
C LEU B 110 -22.62 -11.97 32.02
N GLN B 111 -21.63 -11.81 32.88
CA GLN B 111 -21.88 -11.82 34.32
C GLN B 111 -22.72 -10.58 34.68
N GLY B 112 -22.80 -9.64 33.75
CA GLY B 112 -23.56 -8.43 33.99
C GLY B 112 -25.00 -8.53 33.53
N GLY B 113 -25.37 -9.68 32.96
CA GLY B 113 -26.74 -9.85 32.51
C GLY B 113 -26.92 -10.13 31.03
N ALA B 114 -25.92 -9.76 30.23
CA ALA B 114 -25.99 -9.99 28.79
C ALA B 114 -26.00 -11.48 28.48
N LYS B 115 -26.71 -11.85 27.42
CA LYS B 115 -26.78 -13.25 27.01
C LYS B 115 -25.64 -13.62 26.06
N LYS B 116 -25.14 -12.64 25.31
CA LYS B 116 -24.06 -12.90 24.36
C LYS B 116 -23.21 -11.67 24.09
N VAL B 117 -21.94 -11.92 23.76
CA VAL B 117 -20.99 -10.85 23.45
C VAL B 117 -20.33 -11.10 22.10
N ILE B 118 -20.12 -10.01 21.36
CA ILE B 118 -19.45 -10.07 20.07
C ILE B 118 -18.22 -9.19 20.20
N ILE B 119 -17.03 -9.79 20.09
CA ILE B 119 -15.80 -9.03 20.20
C ILE B 119 -15.47 -8.51 18.80
N THR B 120 -15.42 -7.20 18.64
CA THR B 120 -15.16 -6.59 17.33
C THR B 120 -13.71 -6.70 16.89
N ALA B 121 -13.15 -7.90 17.00
CA ALA B 121 -11.76 -8.12 16.62
C ALA B 121 -11.37 -9.58 16.84
N PRO B 122 -10.19 -9.99 16.34
CA PRO B 122 -9.78 -11.38 16.57
C PRO B 122 -9.60 -11.51 18.08
N ALA B 123 -9.73 -12.72 18.60
CA ALA B 123 -9.58 -12.91 20.03
C ALA B 123 -9.03 -14.29 20.32
N LYS B 124 -8.45 -14.45 21.51
CA LYS B 124 -7.91 -15.74 21.90
C LYS B 124 -8.93 -16.44 22.78
N ASN B 125 -9.22 -17.69 22.44
CA ASN B 125 -10.16 -18.50 23.18
C ASN B 125 -11.62 -18.03 23.25
N PRO B 126 -12.17 -17.52 22.14
CA PRO B 126 -13.57 -17.09 22.16
C PRO B 126 -14.34 -18.38 21.91
N ASP B 127 -15.65 -18.41 22.15
CA ASP B 127 -16.38 -19.64 21.90
C ASP B 127 -16.34 -19.99 20.42
N ILE B 128 -16.17 -18.97 19.58
CA ILE B 128 -16.10 -19.16 18.14
C ILE B 128 -15.79 -17.85 17.40
N THR B 129 -15.17 -17.96 16.24
CA THR B 129 -14.87 -16.79 15.43
C THR B 129 -15.67 -16.94 14.13
N VAL B 130 -16.51 -15.95 13.85
CA VAL B 130 -17.36 -15.99 12.67
C VAL B 130 -17.07 -14.92 11.62
N VAL B 131 -17.26 -15.31 10.37
CA VAL B 131 -17.13 -14.41 9.24
C VAL B 131 -18.33 -14.77 8.37
N LEU B 132 -19.25 -13.82 8.23
CA LEU B 132 -20.46 -14.06 7.45
C LEU B 132 -20.12 -14.35 6.00
N GLY B 133 -20.75 -15.40 5.47
CA GLY B 133 -20.51 -15.80 4.10
C GLY B 133 -19.39 -16.83 4.01
N VAL B 134 -18.90 -17.26 5.17
CA VAL B 134 -17.82 -18.23 5.22
C VAL B 134 -18.06 -19.40 6.18
N ASN B 135 -18.39 -19.11 7.44
CA ASN B 135 -18.59 -20.19 8.41
C ASN B 135 -19.66 -19.90 9.45
N GLU B 136 -20.59 -19.00 9.16
CA GLU B 136 -21.63 -18.67 10.15
C GLU B 136 -22.47 -19.88 10.57
N GLU B 137 -22.62 -20.85 9.67
CA GLU B 137 -23.40 -22.04 9.98
C GLU B 137 -22.77 -22.86 11.11
N LYS B 138 -21.50 -22.58 11.41
CA LYS B 138 -20.80 -23.29 12.48
C LYS B 138 -21.24 -22.78 13.86
N TYR B 139 -21.97 -21.68 13.87
CA TYR B 139 -22.45 -21.10 15.11
C TYR B 139 -23.51 -21.97 15.77
N ASN B 140 -23.36 -22.20 17.07
CA ASN B 140 -24.29 -22.99 17.85
C ASN B 140 -24.83 -22.09 18.95
N PRO B 141 -26.11 -21.72 18.86
CA PRO B 141 -26.78 -20.85 19.82
C PRO B 141 -26.70 -21.29 21.27
N LYS B 142 -26.47 -22.59 21.49
CA LYS B 142 -26.43 -23.13 22.84
C LYS B 142 -25.03 -23.29 23.44
N GLU B 143 -24.00 -23.21 22.61
CA GLU B 143 -22.62 -23.35 23.10
C GLU B 143 -21.75 -22.13 22.86
N HIS B 144 -22.25 -21.19 22.06
CA HIS B 144 -21.47 -20.00 21.74
C HIS B 144 -22.04 -18.70 22.27
N ASN B 145 -21.40 -18.14 23.30
CA ASN B 145 -21.85 -16.88 23.89
C ASN B 145 -20.83 -15.75 23.70
N ILE B 146 -19.58 -16.12 23.47
CA ILE B 146 -18.54 -15.12 23.25
C ILE B 146 -18.11 -15.33 21.80
N ILE B 147 -18.60 -14.44 20.94
CA ILE B 147 -18.31 -14.52 19.51
C ILE B 147 -17.32 -13.47 19.00
N SER B 148 -16.37 -13.90 18.19
CA SER B 148 -15.42 -12.97 17.59
C SER B 148 -15.84 -12.80 16.14
N ASN B 149 -15.89 -11.56 15.66
CA ASN B 149 -16.27 -11.29 14.27
C ASN B 149 -15.00 -11.08 13.45
N ALA B 150 -13.88 -11.56 14.00
CA ALA B 150 -12.58 -11.45 13.34
C ALA B 150 -12.23 -9.98 13.09
N SER B 151 -11.36 -9.74 12.13
CA SER B 151 -10.96 -8.37 11.81
C SER B 151 -11.59 -7.90 10.50
N CYS B 152 -11.39 -6.63 10.20
CA CYS B 152 -11.92 -6.07 8.96
C CYS B 152 -11.25 -6.78 7.78
N THR B 153 -9.96 -7.04 7.92
CA THR B 153 -9.20 -7.70 6.87
C THR B 153 -9.62 -9.16 6.64
N THR B 154 -9.91 -9.88 7.71
CA THR B 154 -10.34 -11.27 7.59
C THR B 154 -11.68 -11.34 6.86
N ASN B 155 -12.56 -10.40 7.17
CA ASN B 155 -13.87 -10.36 6.53
C ASN B 155 -13.76 -10.10 5.04
N CYS B 156 -12.63 -9.55 4.60
CA CYS B 156 -12.41 -9.29 3.18
C CYS B 156 -11.66 -10.48 2.58
N LEU B 157 -10.61 -10.91 3.27
CA LEU B 157 -9.78 -12.03 2.82
C LEU B 157 -10.49 -13.38 2.74
N ALA B 158 -11.12 -13.78 3.84
CA ALA B 158 -11.80 -15.08 3.89
C ALA B 158 -12.76 -15.29 2.72
N PRO B 159 -13.69 -14.35 2.49
CA PRO B 159 -14.63 -14.52 1.38
C PRO B 159 -13.93 -14.70 0.03
N CYS B 160 -12.82 -13.98 -0.17
CA CYS B 160 -12.09 -14.07 -1.43
C CYS B 160 -11.31 -15.36 -1.62
N VAL B 161 -10.62 -15.82 -0.57
CA VAL B 161 -9.87 -17.07 -0.68
C VAL B 161 -10.84 -18.25 -0.79
N LYS B 162 -12.02 -18.11 -0.20
CA LYS B 162 -13.02 -19.17 -0.28
C LYS B 162 -13.41 -19.38 -1.73
N VAL B 163 -13.52 -18.30 -2.48
CA VAL B 163 -13.86 -18.39 -3.89
C VAL B 163 -12.75 -19.09 -4.67
N LEU B 164 -11.51 -18.65 -4.45
CA LEU B 164 -10.35 -19.21 -5.14
C LEU B 164 -10.07 -20.66 -4.76
N ASN B 165 -10.36 -21.01 -3.51
CA ASN B 165 -10.11 -22.37 -3.05
C ASN B 165 -11.12 -23.36 -3.62
N GLU B 166 -12.39 -22.98 -3.64
CA GLU B 166 -13.43 -23.86 -4.17
C GLU B 166 -13.32 -24.02 -5.68
N ALA B 167 -12.78 -23.01 -6.34
CA ALA B 167 -12.65 -23.05 -7.79
C ALA B 167 -11.35 -23.65 -8.33
N PHE B 168 -10.23 -23.37 -7.67
CA PHE B 168 -8.95 -23.86 -8.16
C PHE B 168 -8.09 -24.59 -7.12
N GLY B 169 -8.47 -24.47 -5.85
CA GLY B 169 -7.72 -25.13 -4.80
C GLY B 169 -6.45 -24.37 -4.43
N VAL B 170 -6.45 -23.74 -3.25
CA VAL B 170 -5.29 -22.98 -2.81
C VAL B 170 -4.24 -23.88 -2.15
N GLU B 171 -3.03 -23.87 -2.67
CA GLU B 171 -1.95 -24.67 -2.08
C GLU B 171 -1.23 -23.81 -1.05
N LYS B 172 -1.13 -22.52 -1.34
CA LYS B 172 -0.48 -21.56 -0.45
C LYS B 172 -0.55 -20.17 -1.06
N GLY B 173 -0.34 -19.15 -0.24
CA GLY B 173 -0.39 -17.80 -0.75
C GLY B 173 0.04 -16.75 0.25
N TYR B 174 0.09 -15.51 -0.23
CA TYR B 174 0.50 -14.39 0.60
C TYR B 174 -0.45 -13.22 0.40
N MET B 175 -0.68 -12.46 1.47
CA MET B 175 -1.57 -11.32 1.37
C MET B 175 -0.94 -10.06 1.93
N VAL B 176 -1.07 -8.98 1.18
CA VAL B 176 -0.58 -7.68 1.60
C VAL B 176 -1.79 -6.78 1.58
N THR B 177 -2.06 -6.09 2.69
CA THR B 177 -3.20 -5.19 2.71
C THR B 177 -2.75 -3.76 2.91
N VAL B 178 -3.13 -2.90 1.97
CA VAL B 178 -2.83 -1.49 2.06
C VAL B 178 -4.04 -1.01 2.84
N HIS B 179 -3.79 -0.65 4.09
CA HIS B 179 -4.83 -0.29 5.04
C HIS B 179 -4.79 1.14 5.55
N ALA B 180 -5.97 1.74 5.71
CA ALA B 180 -6.07 3.09 6.24
C ALA B 180 -5.55 3.08 7.67
N TYR B 181 -5.12 4.23 8.18
CA TYR B 181 -4.63 4.25 9.56
C TYR B 181 -5.82 4.20 10.51
N THR B 182 -5.57 3.69 11.72
CA THR B 182 -6.61 3.56 12.72
C THR B 182 -6.12 4.13 14.06
N ASN B 183 -7.00 4.22 15.05
CA ASN B 183 -6.62 4.78 16.33
C ASN B 183 -5.62 3.99 17.16
N ASP B 184 -5.11 2.87 16.65
CA ASP B 184 -4.11 2.13 17.38
C ASP B 184 -2.73 2.65 16.99
N GLN B 185 -2.71 3.66 16.12
CA GLN B 185 -1.47 4.27 15.67
C GLN B 185 -1.34 5.63 16.36
N ARG B 186 -0.28 6.36 16.09
CA ARG B 186 -0.07 7.66 16.71
C ARG B 186 -0.12 8.78 15.69
N LEU B 187 -0.58 9.95 16.12
CA LEU B 187 -0.67 11.10 15.24
C LEU B 187 0.75 11.57 14.93
N LEU B 188 1.58 11.64 15.97
CA LEU B 188 2.97 12.02 15.81
C LEU B 188 3.80 11.03 16.65
N ASP B 189 5.02 10.74 16.20
CA ASP B 189 5.89 9.79 16.89
C ASP B 189 5.73 9.80 18.41
N LEU B 190 5.17 8.71 18.95
CA LEU B 190 4.93 8.55 20.39
C LEU B 190 5.21 7.13 20.83
N PRO B 191 5.43 6.92 22.14
CA PRO B 191 5.72 5.58 22.66
C PRO B 191 4.59 4.62 22.28
N HIS B 192 4.97 3.40 21.88
CA HIS B 192 4.01 2.39 21.48
C HIS B 192 4.73 1.04 21.49
N LYS B 193 4.07 0.00 21.99
CA LYS B 193 4.68 -1.33 22.03
C LYS B 193 5.31 -1.67 20.69
N ASP B 194 4.60 -1.37 19.60
CA ASP B 194 5.07 -1.63 18.25
C ASP B 194 5.92 -0.45 17.76
N PHE B 195 7.20 -0.71 17.49
CA PHE B 195 8.13 0.31 17.04
C PHE B 195 7.70 1.09 15.80
N ARG B 196 6.91 0.47 14.93
CA ARG B 196 6.48 1.19 13.73
C ARG B 196 5.14 1.89 13.89
N ARG B 197 4.20 1.28 14.62
CA ARG B 197 2.89 1.90 14.85
C ARG B 197 3.02 3.09 15.79
N ALA B 198 4.24 3.31 16.26
CA ALA B 198 4.54 4.42 17.14
C ALA B 198 4.73 5.68 16.30
N ARG B 199 5.02 5.49 15.02
CA ARG B 199 5.31 6.59 14.11
C ARG B 199 4.12 7.32 13.50
N ALA B 200 4.28 8.63 13.31
CA ALA B 200 3.26 9.51 12.73
C ALA B 200 2.51 8.83 11.59
N ALA B 201 1.26 8.49 11.85
CA ALA B 201 0.39 7.77 10.91
C ALA B 201 -0.04 8.47 9.61
N ALA B 202 -0.26 9.78 9.68
CA ALA B 202 -0.70 10.51 8.51
C ALA B 202 0.41 10.91 7.54
N ILE B 203 1.67 10.56 7.85
CA ILE B 203 2.79 10.90 6.96
C ILE B 203 3.76 9.76 6.73
N ASN B 204 3.32 8.54 7.05
CA ASN B 204 4.18 7.38 6.84
C ASN B 204 3.47 6.19 6.25
N ILE B 205 4.26 5.35 5.59
CA ILE B 205 3.77 4.09 5.07
C ILE B 205 4.29 3.28 6.25
N VAL B 206 3.39 2.64 6.99
CA VAL B 206 3.79 1.87 8.17
C VAL B 206 3.56 0.37 8.08
N PRO B 207 4.66 -0.40 7.98
CA PRO B 207 4.52 -1.85 7.90
C PRO B 207 4.13 -2.34 9.28
N THR B 208 3.24 -3.33 9.34
CA THR B 208 2.84 -3.90 10.62
C THR B 208 2.22 -5.26 10.39
N THR B 209 2.18 -6.04 11.44
CA THR B 209 1.64 -7.39 11.37
C THR B 209 0.11 -7.43 11.35
N THR B 210 -0.41 -8.54 10.81
CA THR B 210 -1.84 -8.78 10.78
C THR B 210 -1.96 -10.29 10.94
N GLY B 211 -3.01 -10.73 11.64
CA GLY B 211 -3.19 -12.17 11.83
C GLY B 211 -4.23 -12.73 10.86
N ALA B 212 -4.77 -11.87 10.01
CA ALA B 212 -5.78 -12.27 9.05
C ALA B 212 -5.45 -13.56 8.31
N ALA B 213 -4.30 -13.58 7.65
CA ALA B 213 -3.85 -14.75 6.90
C ALA B 213 -3.42 -15.91 7.80
N LYS B 214 -2.54 -15.63 8.76
CA LYS B 214 -2.06 -16.66 9.66
C LYS B 214 -3.17 -17.37 10.44
N ALA B 215 -4.18 -16.62 10.85
CA ALA B 215 -5.29 -17.19 11.63
C ALA B 215 -6.51 -17.57 10.81
N ILE B 216 -6.39 -17.56 9.49
CA ILE B 216 -7.50 -17.90 8.61
C ILE B 216 -8.13 -19.24 8.97
N GLY B 217 -7.31 -20.16 9.48
CA GLY B 217 -7.78 -21.49 9.86
C GLY B 217 -8.96 -21.52 10.80
N GLU B 218 -9.22 -20.42 11.50
CA GLU B 218 -10.34 -20.36 12.42
C GLU B 218 -11.67 -20.29 11.69
N VAL B 219 -11.68 -19.77 10.47
CA VAL B 219 -12.90 -19.69 9.67
C VAL B 219 -12.86 -20.63 8.47
N ILE B 220 -11.64 -21.03 8.07
CA ILE B 220 -11.44 -21.97 6.97
C ILE B 220 -10.30 -22.89 7.39
N PRO B 221 -10.61 -23.90 8.22
CA PRO B 221 -9.67 -24.90 8.76
C PRO B 221 -8.65 -25.49 7.80
N GLU B 222 -9.08 -25.79 6.58
CA GLU B 222 -8.18 -26.40 5.61
C GLU B 222 -7.05 -25.50 5.12
N LEU B 223 -7.19 -24.19 5.28
CA LEU B 223 -6.15 -23.27 4.82
C LEU B 223 -5.15 -22.90 5.91
N LYS B 224 -5.30 -23.50 7.09
CA LYS B 224 -4.39 -23.24 8.20
C LYS B 224 -2.96 -23.53 7.76
N GLY B 225 -2.05 -22.61 8.04
CA GLY B 225 -0.66 -22.79 7.67
C GLY B 225 -0.35 -22.65 6.18
N LYS B 226 -1.35 -22.31 5.37
CA LYS B 226 -1.15 -22.16 3.92
C LYS B 226 -0.97 -20.70 3.50
N LEU B 227 -1.42 -19.79 4.36
CA LEU B 227 -1.34 -18.38 4.05
C LEU B 227 -0.57 -17.55 5.06
N ASP B 228 0.12 -16.53 4.56
CA ASP B 228 0.86 -15.60 5.39
C ASP B 228 0.45 -14.25 4.85
N GLY B 229 0.67 -13.20 5.64
CA GLY B 229 0.29 -11.88 5.19
C GLY B 229 0.92 -10.80 6.02
N THR B 230 0.74 -9.57 5.58
CA THR B 230 1.28 -8.41 6.26
C THR B 230 0.41 -7.20 5.97
N ALA B 231 0.65 -6.12 6.69
CA ALA B 231 -0.14 -4.93 6.49
C ALA B 231 0.74 -3.71 6.23
N ARG B 232 0.22 -2.79 5.43
CA ARG B 232 0.94 -1.55 5.15
C ARG B 232 -0.05 -0.44 5.45
N ARG B 233 0.08 0.19 6.61
CA ARG B 233 -0.82 1.28 6.96
C ARG B 233 -0.34 2.49 6.16
N VAL B 234 -1.29 3.22 5.57
CA VAL B 234 -0.99 4.40 4.77
C VAL B 234 -1.90 5.56 5.16
N PRO B 235 -1.52 6.81 4.80
CA PRO B 235 -2.26 8.04 5.09
C PRO B 235 -3.61 8.24 4.41
N VAL B 236 -4.60 7.48 4.85
CA VAL B 236 -5.95 7.56 4.36
C VAL B 236 -6.71 7.30 5.67
N PRO B 237 -7.70 8.14 6.02
CA PRO B 237 -8.49 8.00 7.25
C PRO B 237 -9.41 6.79 7.34
N ASP B 238 -9.73 6.20 6.21
CA ASP B 238 -10.61 5.04 6.16
C ASP B 238 -10.56 4.51 4.74
N GLY B 239 -10.81 3.22 4.57
CA GLY B 239 -10.75 2.62 3.25
C GLY B 239 -9.48 1.80 3.13
N SER B 240 -9.64 0.52 2.79
CA SER B 240 -8.49 -0.36 2.68
C SER B 240 -8.59 -1.31 1.48
N LEU B 241 -7.49 -1.99 1.19
CA LEU B 241 -7.41 -2.89 0.06
C LEU B 241 -6.49 -4.08 0.30
N ILE B 242 -6.96 -5.28 -0.03
CA ILE B 242 -6.10 -6.44 0.11
C ILE B 242 -5.60 -6.84 -1.27
N ASP B 243 -4.37 -7.32 -1.32
CA ASP B 243 -3.77 -7.81 -2.54
C ASP B 243 -3.38 -9.23 -2.15
N LEU B 244 -3.97 -10.20 -2.82
CA LEU B 244 -3.71 -11.61 -2.51
C LEU B 244 -3.14 -12.40 -3.67
N THR B 245 -2.04 -13.08 -3.40
CA THR B 245 -1.38 -13.93 -4.38
C THR B 245 -1.45 -15.36 -3.87
N VAL B 246 -1.97 -16.26 -4.70
CA VAL B 246 -2.06 -17.67 -4.31
C VAL B 246 -1.58 -18.59 -5.40
N VAL B 247 -1.05 -19.75 -5.01
CA VAL B 247 -0.61 -20.76 -5.95
C VAL B 247 -1.73 -21.78 -5.89
N VAL B 248 -2.30 -22.12 -7.03
CA VAL B 248 -3.43 -23.06 -7.05
C VAL B 248 -3.15 -24.41 -7.69
N ASN B 249 -3.96 -25.41 -7.33
CA ASN B 249 -3.85 -26.76 -7.86
C ASN B 249 -4.19 -26.75 -9.35
N LYS B 250 -5.40 -26.30 -9.67
CA LYS B 250 -5.84 -26.24 -11.05
C LYS B 250 -5.66 -24.82 -11.61
N ALA B 251 -4.66 -24.66 -12.46
CA ALA B 251 -4.39 -23.37 -13.06
C ALA B 251 -5.58 -22.92 -13.89
N PRO B 252 -6.02 -21.66 -13.72
CA PRO B 252 -7.17 -21.16 -14.49
C PRO B 252 -6.79 -20.89 -15.94
N SER B 253 -7.76 -21.07 -16.84
CA SER B 253 -7.53 -20.88 -18.26
C SER B 253 -7.24 -19.43 -18.63
N SER B 254 -7.81 -18.50 -17.87
CA SER B 254 -7.59 -17.09 -18.14
C SER B 254 -8.01 -16.22 -16.96
N VAL B 255 -7.72 -14.92 -17.08
CA VAL B 255 -8.09 -13.97 -16.04
C VAL B 255 -9.61 -13.94 -15.93
N GLU B 256 -10.28 -13.93 -17.09
CA GLU B 256 -11.74 -13.90 -17.11
C GLU B 256 -12.36 -15.08 -16.36
N GLU B 257 -11.75 -16.25 -16.43
CA GLU B 257 -12.30 -17.40 -15.71
C GLU B 257 -12.23 -17.10 -14.20
N VAL B 258 -11.15 -16.44 -13.77
CA VAL B 258 -11.00 -16.09 -12.38
C VAL B 258 -12.09 -15.09 -11.99
N ASN B 259 -12.23 -14.05 -12.80
CA ASN B 259 -13.23 -13.02 -12.55
C ASN B 259 -14.65 -13.58 -12.56
N GLU B 260 -14.90 -14.52 -13.46
CA GLU B 260 -16.22 -15.13 -13.55
C GLU B 260 -16.59 -15.84 -12.26
N LYS B 261 -15.62 -16.50 -11.62
CA LYS B 261 -15.89 -17.20 -10.37
C LYS B 261 -16.38 -16.21 -9.30
N PHE B 262 -15.81 -15.01 -9.30
CA PHE B 262 -16.19 -13.99 -8.34
C PHE B 262 -17.55 -13.39 -8.65
N ARG B 263 -17.82 -13.17 -9.93
CA ARG B 263 -19.11 -12.64 -10.37
C ARG B 263 -20.19 -13.62 -9.92
N GLU B 264 -19.91 -14.91 -10.10
CA GLU B 264 -20.83 -15.98 -9.73
C GLU B 264 -20.98 -16.14 -8.21
N ALA B 265 -19.89 -16.00 -7.48
CA ALA B 265 -19.96 -16.12 -6.04
C ALA B 265 -20.83 -15.01 -5.49
N ALA B 266 -20.65 -13.81 -6.02
CA ALA B 266 -21.43 -12.63 -5.59
C ALA B 266 -22.92 -12.91 -5.84
N GLN B 267 -23.23 -13.39 -7.03
CA GLN B 267 -24.59 -13.71 -7.42
C GLN B 267 -25.19 -14.72 -6.43
N LYS B 268 -24.46 -15.79 -6.17
CA LYS B 268 -24.95 -16.83 -5.27
C LYS B 268 -25.32 -16.27 -3.90
N TYR B 269 -24.53 -15.32 -3.39
CA TYR B 269 -24.83 -14.72 -2.10
C TYR B 269 -26.15 -13.98 -2.17
N ARG B 270 -26.34 -13.20 -3.23
CA ARG B 270 -27.55 -12.43 -3.40
C ARG B 270 -28.82 -13.26 -3.55
N GLU B 271 -28.77 -14.35 -4.31
CA GLU B 271 -29.97 -15.16 -4.45
C GLU B 271 -30.09 -16.28 -3.42
N SER B 272 -29.40 -16.10 -2.30
CA SER B 272 -29.45 -17.08 -1.22
C SER B 272 -30.69 -16.78 -0.40
N GLY B 273 -31.16 -15.54 -0.49
CA GLY B 273 -32.33 -15.13 0.25
C GLY B 273 -32.00 -14.69 1.65
N LYS B 274 -30.79 -14.99 2.11
CA LYS B 274 -30.37 -14.62 3.45
C LYS B 274 -30.04 -13.13 3.51
N VAL B 275 -30.77 -12.41 4.34
CA VAL B 275 -30.54 -10.96 4.48
C VAL B 275 -29.11 -10.66 4.93
N TYR B 276 -28.57 -11.52 5.78
CA TYR B 276 -27.22 -11.34 6.30
C TYR B 276 -26.11 -11.71 5.34
N LEU B 277 -26.46 -12.09 4.11
CA LEU B 277 -25.46 -12.45 3.10
C LEU B 277 -25.61 -11.57 1.86
N LYS B 278 -26.48 -10.57 1.95
CA LYS B 278 -26.74 -9.67 0.84
C LYS B 278 -25.56 -8.79 0.44
N GLU B 279 -24.75 -8.40 1.43
CA GLU B 279 -23.63 -7.50 1.18
C GLU B 279 -22.28 -8.08 1.55
N ILE B 280 -22.05 -9.34 1.23
CA ILE B 280 -20.78 -9.97 1.55
C ILE B 280 -19.77 -9.61 0.49
N LEU B 281 -20.15 -9.87 -0.76
CA LEU B 281 -19.27 -9.65 -1.90
C LEU B 281 -19.88 -8.83 -3.02
N GLN B 282 -19.10 -7.90 -3.55
CA GLN B 282 -19.53 -7.08 -4.66
C GLN B 282 -18.55 -7.27 -5.80
N TYR B 283 -19.07 -7.51 -6.99
CA TYR B 283 -18.23 -7.69 -8.17
C TYR B 283 -18.18 -6.32 -8.85
N CYS B 284 -16.99 -5.71 -8.89
CA CYS B 284 -16.85 -4.39 -9.48
C CYS B 284 -15.93 -4.40 -10.70
N GLU B 285 -16.27 -3.59 -11.70
CA GLU B 285 -15.45 -3.51 -12.91
C GLU B 285 -15.02 -2.10 -13.24
N ASP B 286 -15.55 -1.12 -12.49
CA ASP B 286 -15.18 0.27 -12.71
C ASP B 286 -13.83 0.55 -12.05
N PRO B 287 -13.00 1.38 -12.67
CA PRO B 287 -11.69 1.71 -12.11
C PRO B 287 -11.85 2.70 -10.95
N ILE B 288 -11.90 2.18 -9.73
CA ILE B 288 -12.11 3.02 -8.56
C ILE B 288 -10.89 3.22 -7.67
N VAL B 289 -11.03 4.12 -6.71
CA VAL B 289 -9.97 4.43 -5.74
C VAL B 289 -10.57 4.38 -4.33
N SER B 290 -9.72 4.34 -3.31
CA SER B 290 -10.22 4.23 -1.94
C SER B 290 -11.44 5.07 -1.53
N THR B 291 -11.48 6.36 -1.89
CA THR B 291 -12.64 7.16 -1.51
C THR B 291 -13.95 6.63 -2.12
N ASP B 292 -13.88 5.97 -3.27
CA ASP B 292 -15.11 5.45 -3.89
C ASP B 292 -15.77 4.35 -3.04
N ILE B 293 -15.01 3.68 -2.19
CA ILE B 293 -15.60 2.61 -1.37
C ILE B 293 -15.89 3.00 0.07
N VAL B 294 -15.72 4.29 0.39
CA VAL B 294 -16.03 4.80 1.73
C VAL B 294 -17.55 4.88 1.80
N GLY B 295 -18.15 4.08 2.70
CA GLY B 295 -19.58 4.07 2.82
C GLY B 295 -20.18 2.84 2.12
N ASN B 296 -19.31 2.01 1.54
CA ASN B 296 -19.74 0.80 0.86
C ASN B 296 -19.83 -0.25 1.98
N PRO B 297 -20.98 -0.94 2.09
CA PRO B 297 -21.23 -1.96 3.13
C PRO B 297 -20.72 -3.37 2.90
N HIS B 298 -20.10 -3.64 1.75
CA HIS B 298 -19.64 -4.99 1.48
C HIS B 298 -18.36 -5.39 2.21
N SER B 299 -18.25 -6.67 2.55
CA SER B 299 -17.07 -7.19 3.22
C SER B 299 -15.89 -7.12 2.27
N ALA B 300 -16.18 -7.26 0.97
CA ALA B 300 -15.16 -7.23 -0.07
C ALA B 300 -15.71 -6.75 -1.41
N ILE B 301 -15.06 -5.75 -1.98
CA ILE B 301 -15.44 -5.21 -3.28
C ILE B 301 -14.36 -5.69 -4.24
N PHE B 302 -14.66 -6.77 -4.94
CA PHE B 302 -13.71 -7.36 -5.89
C PHE B 302 -13.44 -6.38 -7.05
N ASP B 303 -12.15 -6.12 -7.30
CA ASP B 303 -11.74 -5.20 -8.36
C ASP B 303 -11.27 -6.05 -9.53
N ALA B 304 -12.20 -6.46 -10.37
CA ALA B 304 -11.94 -7.32 -11.53
C ALA B 304 -10.74 -6.94 -12.39
N PRO B 305 -10.63 -5.66 -12.78
CA PRO B 305 -9.51 -5.22 -13.62
C PRO B 305 -8.10 -5.41 -13.05
N LEU B 306 -8.01 -5.66 -11.75
CA LEU B 306 -6.70 -5.83 -11.14
C LEU B 306 -6.25 -7.27 -11.08
N THR B 307 -7.08 -8.18 -11.56
CA THR B 307 -6.77 -9.60 -11.54
C THR B 307 -5.68 -9.94 -12.56
N GLN B 308 -4.75 -10.81 -12.16
CA GLN B 308 -3.67 -11.24 -13.05
C GLN B 308 -3.38 -12.70 -12.78
N VAL B 309 -2.87 -13.39 -13.79
CA VAL B 309 -2.54 -14.81 -13.67
C VAL B 309 -1.29 -15.19 -14.45
N ILE B 310 -0.45 -16.04 -13.84
CA ILE B 310 0.76 -16.53 -14.49
C ILE B 310 0.80 -18.01 -14.16
N ASP B 311 0.48 -18.84 -15.13
CA ASP B 311 0.45 -20.29 -14.92
C ASP B 311 -0.52 -20.55 -13.78
N ASN B 312 -0.05 -21.16 -12.70
CA ASN B 312 -0.93 -21.47 -11.57
C ASN B 312 -0.86 -20.43 -10.44
N LEU B 313 -0.24 -19.29 -10.72
CA LEU B 313 -0.11 -18.21 -9.74
C LEU B 313 -1.23 -17.21 -10.03
N VAL B 314 -2.13 -17.03 -9.08
CA VAL B 314 -3.26 -16.12 -9.26
C VAL B 314 -3.21 -14.95 -8.29
N HIS B 315 -3.48 -13.75 -8.81
CA HIS B 315 -3.49 -12.56 -7.98
C HIS B 315 -4.76 -11.75 -8.14
N ILE B 316 -5.41 -11.46 -7.02
CA ILE B 316 -6.64 -10.68 -7.02
C ILE B 316 -6.53 -9.53 -6.00
N ALA B 317 -7.42 -8.55 -6.12
CA ALA B 317 -7.42 -7.43 -5.19
C ALA B 317 -8.87 -7.07 -4.88
N ALA B 318 -9.14 -6.78 -3.62
CA ALA B 318 -10.50 -6.42 -3.21
C ALA B 318 -10.46 -5.31 -2.18
N TRP B 319 -11.42 -4.40 -2.27
CA TRP B 319 -11.51 -3.28 -1.34
C TRP B 319 -12.43 -3.58 -0.18
N TYR B 320 -12.30 -2.78 0.88
CA TYR B 320 -13.17 -2.88 2.04
C TYR B 320 -13.05 -1.64 2.87
N ASP B 321 -14.20 -1.09 3.25
CA ASP B 321 -14.23 0.08 4.10
C ASP B 321 -14.05 -0.54 5.49
N ASN B 322 -12.82 -0.52 6.00
CA ASN B 322 -12.51 -1.13 7.29
C ASN B 322 -13.46 -0.75 8.43
N GLU B 323 -14.03 0.46 8.39
CA GLU B 323 -14.96 0.86 9.43
C GLU B 323 -16.39 0.43 9.12
N TRP B 324 -16.89 0.83 7.95
CA TRP B 324 -18.26 0.57 7.55
C TRP B 324 -18.64 -0.87 7.18
N GLY B 325 -17.85 -1.50 6.31
CA GLY B 325 -18.16 -2.87 5.93
C GLY B 325 -18.20 -3.77 7.15
N TYR B 326 -17.15 -3.68 7.97
CA TYR B 326 -17.05 -4.48 9.18
C TYR B 326 -18.24 -4.20 10.10
N SER B 327 -18.63 -2.93 10.19
CA SER B 327 -19.74 -2.53 11.04
C SER B 327 -21.06 -3.09 10.55
N CYS B 328 -21.25 -3.11 9.24
CA CYS B 328 -22.48 -3.67 8.70
C CYS B 328 -22.48 -5.17 8.96
N ARG B 329 -21.29 -5.79 8.96
CA ARG B 329 -21.22 -7.22 9.24
C ARG B 329 -21.64 -7.44 10.71
N LEU B 330 -21.27 -6.51 11.58
CA LEU B 330 -21.66 -6.62 12.99
C LEU B 330 -23.19 -6.52 13.09
N ARG B 331 -23.75 -5.64 12.25
CA ARG B 331 -25.20 -5.45 12.23
C ARG B 331 -25.85 -6.75 11.73
N ASP B 332 -25.28 -7.32 10.67
CA ASP B 332 -25.81 -8.55 10.10
C ASP B 332 -25.62 -9.75 11.05
N LEU B 333 -24.54 -9.72 11.82
CA LEU B 333 -24.26 -10.80 12.77
C LEU B 333 -25.27 -10.76 13.90
N VAL B 334 -25.57 -9.57 14.39
CA VAL B 334 -26.55 -9.41 15.47
C VAL B 334 -27.91 -9.94 14.98
N ILE B 335 -28.24 -9.64 13.73
CA ILE B 335 -29.49 -10.09 13.15
C ILE B 335 -29.45 -11.60 13.01
N TYR B 336 -28.30 -12.12 12.59
CA TYR B 336 -28.15 -13.57 12.43
C TYR B 336 -28.40 -14.27 13.76
N LEU B 337 -27.79 -13.77 14.83
CA LEU B 337 -27.96 -14.36 16.14
C LEU B 337 -29.44 -14.40 16.52
N ALA B 338 -30.18 -13.34 16.17
CA ALA B 338 -31.60 -13.27 16.46
C ALA B 338 -32.35 -14.38 15.74
N GLU B 339 -31.94 -14.66 14.50
CA GLU B 339 -32.57 -15.71 13.71
C GLU B 339 -32.24 -17.09 14.28
N ARG B 340 -31.74 -17.14 15.51
CA ARG B 340 -31.40 -18.42 16.13
C ARG B 340 -31.52 -18.38 17.65
PA NAD C . 7.87 16.33 -13.26
O1A NAD C . 8.42 16.97 -12.08
O2A NAD C . 6.46 16.69 -13.46
O5B NAD C . 8.55 16.76 -14.68
C5B NAD C . 9.91 17.23 -14.81
C4B NAD C . 10.01 18.59 -15.50
O4B NAD C . 9.80 18.48 -16.94
C3B NAD C . 9.01 19.70 -15.06
O3B NAD C . 9.70 20.76 -14.38
C2B NAD C . 8.35 20.11 -16.41
O2B NAD C . 8.00 21.51 -16.45
C1B NAD C . 9.43 19.74 -17.40
N9A NAD C . 8.92 19.61 -18.78
C8A NAD C . 7.72 19.07 -19.23
N7A NAD C . 7.58 19.10 -20.58
C5A NAD C . 8.76 19.69 -21.01
C6A NAD C . 9.27 20.03 -22.33
N6A NAD C . 8.59 19.78 -23.46
N1A NAD C . 10.52 20.61 -22.40
C2A NAD C . 11.23 20.87 -21.23
N3A NAD C . 10.85 20.60 -19.98
C4A NAD C . 9.61 20.02 -19.91
O3 NAD C . 8.05 14.78 -13.11
PN NAD C . 9.20 13.84 -12.51
O1N NAD C . 8.57 13.16 -11.35
O2N NAD C . 10.34 14.69 -12.12
O5D NAD C . 9.55 12.69 -13.54
C5D NAD C . 10.06 12.95 -14.86
C4D NAD C . 10.32 11.58 -15.47
O4D NAD C . 11.08 10.77 -14.50
C3D NAD C . 9.06 10.77 -15.83
O3D NAD C . 9.17 10.05 -17.08
C2D NAD C . 8.92 9.85 -14.59
O2D NAD C . 8.11 8.69 -14.91
C1D NAD C . 10.38 9.57 -14.28
N1N NAD C . 10.64 9.05 -12.90
C2N NAD C . 10.01 9.72 -11.84
C3N NAD C . 10.25 9.23 -10.56
C7N NAD C . 9.63 9.88 -9.29
O7N NAD C . 9.87 9.38 -8.20
N7N NAD C . 8.86 10.96 -9.41
C4N NAD C . 11.12 8.08 -10.33
C5N NAD C . 11.68 7.50 -11.50
C6N NAD C . 11.49 7.92 -12.79
PA NAD D . -11.33 3.48 18.93
O1A NAD D . -11.70 4.60 18.06
O2A NAD D . -10.22 3.84 19.83
O5B NAD D . -12.53 3.01 19.87
C5B NAD D . -12.36 2.67 21.25
C4B NAD D . -13.44 3.34 22.07
O4B NAD D . -13.43 2.60 23.33
C3B NAD D . -13.10 4.79 22.44
O3B NAD D . -14.19 5.65 22.05
C2B NAD D . -12.83 4.73 23.97
O2B NAD D . -13.28 5.91 24.65
C1B NAD D . -13.57 3.47 24.41
N9A NAD D . -12.93 2.80 25.53
C8A NAD D . -11.58 2.53 25.74
N7A NAD D . -11.32 1.86 26.88
C5A NAD D . -12.60 1.71 27.44
C6A NAD D . -13.04 1.08 28.68
N6A NAD D . -12.21 0.51 29.54
N1A NAD D . -14.41 1.11 28.93
C2A NAD D . -15.27 1.71 28.03
N3A NAD D . -14.96 2.31 26.88
C4A NAD D . -13.60 2.28 26.63
O3 NAD D . -11.01 2.26 18.02
PN NAD D . -11.86 1.44 16.94
O1N NAD D . -11.12 1.69 15.67
O2N NAD D . -13.22 1.99 16.91
O5D NAD D . -11.73 -0.10 17.22
C5D NAD D . -12.23 -0.73 18.43
C4D NAD D . -11.98 -2.22 18.26
O4D NAD D . -12.51 -2.62 16.95
C3D NAD D . -10.50 -2.65 18.27
O3D NAD D . -10.26 -3.88 18.97
C2D NAD D . -10.17 -2.72 16.78
O2D NAD D . -9.02 -3.56 16.54
C1D NAD D . -11.48 -3.24 16.22
N1N NAD D . -11.66 -3.02 14.74
C2N NAD D . -11.36 -1.74 14.24
C3N NAD D . -11.52 -1.57 12.86
C7N NAD D . -11.24 -0.23 12.16
O7N NAD D . -11.38 -0.16 10.93
N7N NAD D . -10.84 0.85 12.86
C4N NAD D . -11.99 -2.65 12.00
C5N NAD D . -12.26 -3.88 12.65
C6N NAD D . -12.11 -4.14 13.99
#